data_5D1W
#
_entry.id   5D1W
#
_cell.length_a   234.048
_cell.length_b   75.493
_cell.length_c   125.361
_cell.angle_alpha   90.000
_cell.angle_beta   121.550
_cell.angle_gamma   90.000
#
_symmetry.space_group_name_H-M   'C 1 2 1'
#
loop_
_entity.id
_entity.type
_entity.pdbx_description
1 polymer 'Rv3249c transcriptional regulator'
2 non-polymer 'PALMITIC ACID'
#
_entity_poly.entity_id   1
_entity_poly.type   'polypeptide(L)'
_entity_poly.pdbx_seq_one_letter_code
;MSTPSATVAPVKRIPYAEASRALLRDSVLDAMRDLLLTRDWSAITLSDVARAAGISRQTIYNEFGSRQGLAQGYALRLAD
RLVDNVHASLDANVGNFYEAFLQGFRSFFAESAADPLVISLLTGVAKPDLLQLITTDSAPIITRASARLAPAFTDTWVAT
TDNDANVLSRAIVRLCLSYVSMPPEADHDVAADLARLITPFAERHGVINVPHHHHHH
;
_entity_poly.pdbx_strand_id   A,B,C,D,E,F
#
# COMPACT_ATOMS: atom_id res chain seq x y z
N ARG A 13 1.04 -25.56 36.16
CA ARG A 13 1.64 -24.63 35.19
C ARG A 13 0.67 -24.07 34.11
N ILE A 14 0.00 -24.96 33.36
CA ILE A 14 -0.91 -24.54 32.29
C ILE A 14 -2.23 -25.27 32.36
N PRO A 15 -3.34 -24.55 32.08
CA PRO A 15 -4.78 -24.82 32.32
C PRO A 15 -5.23 -26.04 31.59
N TYR A 16 -6.52 -26.36 31.57
CA TYR A 16 -6.94 -27.59 30.88
C TYR A 16 -6.98 -27.45 29.34
N ALA A 17 -7.91 -26.68 28.78
CA ALA A 17 -7.91 -26.49 27.30
C ALA A 17 -6.49 -26.23 26.79
N GLU A 18 -5.76 -25.33 27.43
CA GLU A 18 -4.38 -25.10 27.03
C GLU A 18 -3.56 -26.38 26.85
N ALA A 19 -3.63 -27.32 27.79
CA ALA A 19 -2.81 -28.51 27.59
C ALA A 19 -3.56 -29.65 26.95
N SER A 20 -4.89 -29.51 26.89
CA SER A 20 -5.74 -30.52 26.26
C SER A 20 -5.85 -30.37 24.73
N ARG A 21 -5.67 -29.14 24.26
CA ARG A 21 -5.54 -28.84 22.85
C ARG A 21 -4.24 -29.45 22.41
N ALA A 22 -3.13 -28.99 22.99
CA ALA A 22 -1.84 -29.37 22.45
C ALA A 22 -1.62 -30.86 22.56
N LEU A 23 -2.48 -31.53 23.31
CA LEU A 23 -2.48 -32.99 23.28
C LEU A 23 -3.19 -33.47 22.01
N LEU A 24 -4.40 -32.94 21.73
CA LEU A 24 -5.16 -33.35 20.55
C LEU A 24 -4.24 -33.23 19.38
N ARG A 25 -3.73 -32.00 19.19
CA ARG A 25 -2.84 -31.62 18.10
C ARG A 25 -1.66 -32.54 17.98
N ASP A 26 -0.88 -32.74 19.01
CA ASP A 26 0.26 -33.60 18.80
C ASP A 26 -0.19 -35.02 18.65
N SER A 27 -1.45 -35.28 18.95
CA SER A 27 -1.99 -36.64 18.85
C SER A 27 -2.45 -37.02 17.43
N VAL A 28 -2.88 -36.04 16.64
CA VAL A 28 -3.18 -36.22 15.22
C VAL A 28 -1.90 -36.28 14.43
N LEU A 29 -1.18 -35.16 14.42
CA LEU A 29 0.05 -35.05 13.64
C LEU A 29 1.09 -36.03 14.13
N ASP A 30 0.79 -36.80 15.17
CA ASP A 30 1.49 -38.07 15.36
C ASP A 30 0.83 -39.21 14.57
N ALA A 31 -0.47 -39.13 14.34
CA ALA A 31 -1.17 -40.23 13.71
C ALA A 31 -0.72 -40.20 12.29
N MET A 32 -0.78 -38.99 11.71
CA MET A 32 -0.32 -38.70 10.35
C MET A 32 1.10 -39.17 10.13
N ARG A 33 2.05 -38.76 10.96
CA ARG A 33 3.43 -39.27 10.87
C ARG A 33 3.42 -40.80 10.87
N ASP A 34 2.31 -41.36 11.32
CA ASP A 34 2.13 -42.81 11.26
C ASP A 34 1.47 -43.46 10.04
N LEU A 35 0.33 -42.92 9.57
CA LEU A 35 -0.32 -43.39 8.33
C LEU A 35 0.65 -43.23 7.15
N LEU A 36 1.17 -42.00 6.99
CA LEU A 36 2.18 -41.65 5.99
C LEU A 36 3.36 -42.59 6.02
N LEU A 37 3.59 -43.31 7.10
CA LEU A 37 4.82 -44.05 7.12
C LEU A 37 4.79 -45.37 6.31
N THR A 38 3.60 -45.94 6.10
CA THR A 38 3.46 -47.01 5.11
C THR A 38 2.70 -46.69 3.83
N ARG A 39 2.13 -45.50 3.72
CA ARG A 39 1.20 -45.21 2.65
C ARG A 39 1.50 -43.77 2.18
N ASP A 40 0.86 -43.25 1.14
CA ASP A 40 1.38 -41.96 0.67
C ASP A 40 0.38 -40.83 0.69
N TRP A 41 0.89 -39.66 0.99
CA TRP A 41 0.06 -38.56 1.48
C TRP A 41 -1.14 -38.25 0.58
N SER A 42 -1.12 -38.72 -0.66
CA SER A 42 -2.34 -38.64 -1.47
C SER A 42 -3.36 -39.75 -1.09
N ALA A 43 -2.83 -40.87 -0.63
CA ALA A 43 -3.63 -42.00 -0.23
C ALA A 43 -4.31 -41.84 1.17
N ILE A 44 -4.00 -40.73 1.88
CA ILE A 44 -4.46 -40.50 3.27
C ILE A 44 -5.47 -39.35 3.42
N THR A 45 -6.40 -39.48 4.38
CA THR A 45 -7.52 -38.52 4.57
C THR A 45 -7.61 -37.82 5.93
N LEU A 46 -8.49 -36.82 6.02
CA LEU A 46 -9.03 -36.52 7.33
C LEU A 46 -9.58 -37.83 7.89
N SER A 47 -10.53 -38.40 7.16
CA SER A 47 -11.16 -39.61 7.63
C SER A 47 -10.17 -40.73 7.90
N ASP A 48 -9.26 -41.05 6.99
CA ASP A 48 -8.33 -42.13 7.35
C ASP A 48 -7.48 -41.73 8.55
N VAL A 49 -7.29 -40.42 8.73
CA VAL A 49 -6.42 -39.92 9.80
C VAL A 49 -7.19 -39.92 11.07
N ALA A 50 -8.40 -39.37 11.04
CA ALA A 50 -9.25 -39.31 12.22
C ALA A 50 -9.34 -40.71 12.82
N ARG A 51 -9.73 -41.66 11.99
CA ARG A 51 -9.76 -43.06 12.41
C ARG A 51 -8.47 -43.47 13.16
N ALA A 52 -7.32 -43.05 12.67
CA ALA A 52 -6.09 -43.60 13.19
C ALA A 52 -5.73 -42.97 14.51
N ALA A 53 -6.22 -41.75 14.76
CA ALA A 53 -5.89 -41.06 16.00
C ALA A 53 -6.95 -41.33 17.07
N GLY A 54 -8.10 -41.83 16.62
CA GLY A 54 -9.22 -42.07 17.49
C GLY A 54 -9.97 -40.82 17.89
N ILE A 55 -10.27 -39.97 16.92
CA ILE A 55 -11.07 -38.79 17.16
C ILE A 55 -12.15 -38.85 16.11
N SER A 56 -13.05 -37.88 16.09
CA SER A 56 -14.07 -37.84 15.04
C SER A 56 -13.45 -37.17 13.84
N ARG A 57 -14.22 -37.05 12.75
CA ARG A 57 -13.80 -36.23 11.61
C ARG A 57 -13.90 -34.87 12.26
N GLN A 58 -15.14 -34.53 12.61
CA GLN A 58 -15.55 -33.18 12.95
C GLN A 58 -14.60 -32.50 13.94
N THR A 59 -13.82 -33.28 14.68
CA THR A 59 -12.81 -32.67 15.57
C THR A 59 -11.55 -32.18 14.84
N ILE A 60 -11.04 -32.95 13.89
CA ILE A 60 -9.84 -32.53 13.19
C ILE A 60 -10.13 -31.26 12.39
N TYR A 61 -11.32 -31.19 11.80
CA TYR A 61 -11.81 -30.01 11.11
C TYR A 61 -11.93 -28.79 12.02
N ASN A 62 -12.15 -28.99 13.31
CA ASN A 62 -12.27 -27.85 14.19
C ASN A 62 -10.93 -27.38 14.64
N GLU A 63 -10.08 -28.35 14.88
CA GLU A 63 -8.77 -28.06 15.37
C GLU A 63 -7.93 -27.52 14.23
N PHE A 64 -7.69 -28.34 13.19
CA PHE A 64 -6.99 -27.89 11.97
C PHE A 64 -7.81 -27.12 10.94
N GLY A 65 -8.95 -27.67 10.56
CA GLY A 65 -9.85 -26.98 9.66
C GLY A 65 -10.01 -27.57 8.28
N SER A 66 -9.12 -28.47 7.91
CA SER A 66 -9.14 -29.05 6.57
C SER A 66 -8.07 -30.10 6.40
N ARG A 67 -8.04 -30.67 5.20
CA ARG A 67 -6.92 -31.53 4.89
C ARG A 67 -5.68 -30.67 4.60
N GLN A 68 -5.92 -29.43 4.19
CA GLN A 68 -4.83 -28.48 3.96
C GLN A 68 -4.22 -28.13 5.30
N GLY A 69 -5.09 -27.80 6.27
CA GLY A 69 -4.71 -27.22 7.56
C GLY A 69 -3.87 -28.15 8.41
N LEU A 70 -4.14 -29.44 8.18
CA LEU A 70 -3.47 -30.57 8.79
C LEU A 70 -2.08 -30.62 8.20
N ALA A 71 -2.05 -30.44 6.89
CA ALA A 71 -0.82 -30.57 6.14
C ALA A 71 0.21 -29.53 6.56
N GLN A 72 -0.18 -28.28 6.42
CA GLN A 72 0.66 -27.19 6.83
C GLN A 72 0.94 -27.36 8.30
N GLY A 73 -0.11 -27.73 9.04
CA GLY A 73 -0.03 -28.03 10.46
C GLY A 73 1.06 -29.04 10.70
N TYR A 74 1.13 -30.07 9.85
CA TYR A 74 2.21 -31.04 9.95
C TYR A 74 3.56 -30.35 9.79
N ALA A 75 3.61 -29.48 8.80
CA ALA A 75 4.85 -28.80 8.39
C ALA A 75 5.48 -27.95 9.48
N LEU A 76 4.71 -26.94 9.91
CA LEU A 76 5.09 -26.01 10.97
C LEU A 76 5.73 -26.77 12.12
N ARG A 77 4.94 -27.64 12.76
CA ARG A 77 5.40 -28.48 13.85
C ARG A 77 6.69 -29.25 13.51
N LEU A 78 6.91 -29.56 12.23
CA LEU A 78 8.19 -30.16 11.82
C LEU A 78 9.29 -29.12 11.86
N ALA A 79 8.96 -27.94 11.36
CA ALA A 79 9.89 -26.82 11.30
C ALA A 79 10.42 -26.52 12.67
N ASP A 80 9.51 -26.46 13.64
CA ASP A 80 9.86 -26.20 15.02
C ASP A 80 10.86 -27.24 15.45
N ARG A 81 10.52 -28.52 15.25
CA ARG A 81 11.30 -29.63 15.81
C ARG A 81 12.69 -29.66 15.21
N LEU A 82 12.76 -29.11 14.00
CA LEU A 82 14.00 -29.05 13.24
C LEU A 82 14.90 -27.90 13.65
N VAL A 83 14.34 -26.71 13.86
CA VAL A 83 15.21 -25.60 14.27
C VAL A 83 15.70 -25.84 15.68
N ASP A 84 14.99 -26.69 16.43
CA ASP A 84 15.33 -27.00 17.84
C ASP A 84 16.44 -28.03 18.04
N ASN A 85 16.65 -28.89 17.05
CA ASN A 85 17.78 -29.81 17.08
C ASN A 85 19.06 -29.02 17.01
N VAL A 86 18.94 -27.78 16.56
CA VAL A 86 20.12 -26.97 16.44
C VAL A 86 20.78 -26.74 17.81
N HIS A 87 20.00 -26.33 18.84
CA HIS A 87 20.57 -25.99 20.17
C HIS A 87 21.32 -27.18 20.70
N ALA A 88 21.00 -28.34 20.15
CA ALA A 88 21.67 -29.59 20.50
C ALA A 88 23.17 -29.50 20.24
N SER A 89 23.55 -29.40 18.98
CA SER A 89 24.96 -29.34 18.60
C SER A 89 25.61 -27.97 18.93
N LEU A 90 24.79 -26.95 19.14
CA LEU A 90 25.30 -25.65 19.61
C LEU A 90 25.89 -25.81 21.02
N ASP A 91 25.21 -26.57 21.86
CA ASP A 91 25.72 -26.90 23.19
C ASP A 91 26.85 -27.94 23.09
N ALA A 92 26.72 -28.82 22.10
CA ALA A 92 27.74 -29.83 21.80
C ALA A 92 29.16 -29.27 21.73
N ASN A 93 29.46 -28.48 20.69
CA ASN A 93 30.80 -27.86 20.58
C ASN A 93 30.73 -26.37 20.80
N VAL A 94 31.24 -25.95 21.94
CA VAL A 94 31.13 -24.56 22.35
C VAL A 94 32.44 -23.85 21.99
N GLY A 95 32.34 -22.55 21.71
CA GLY A 95 33.49 -21.76 21.33
C GLY A 95 34.12 -22.11 19.99
N ASN A 96 33.51 -23.05 19.29
CA ASN A 96 34.05 -23.39 17.97
C ASN A 96 32.97 -23.37 16.87
N PHE A 97 33.02 -22.33 16.05
CA PHE A 97 31.87 -21.99 15.22
C PHE A 97 31.72 -22.97 14.08
N TYR A 98 32.85 -23.35 13.50
CA TYR A 98 32.79 -24.32 12.42
C TYR A 98 32.14 -25.61 12.89
N GLU A 99 32.79 -26.25 13.85
CA GLU A 99 32.35 -27.57 14.31
C GLU A 99 30.91 -27.60 14.86
N ALA A 100 30.45 -26.48 15.42
CA ALA A 100 29.04 -26.32 15.78
C ALA A 100 28.16 -26.39 14.52
N PHE A 101 28.43 -25.49 13.58
CA PHE A 101 27.58 -25.36 12.41
C PHE A 101 27.70 -26.58 11.52
N LEU A 102 28.85 -27.25 11.56
CA LEU A 102 28.99 -28.48 10.79
C LEU A 102 27.96 -29.50 11.27
N GLN A 103 28.00 -29.81 12.57
CA GLN A 103 27.10 -30.80 13.17
C GLN A 103 25.63 -30.34 13.13
N GLY A 104 25.42 -29.03 13.19
CA GLY A 104 24.07 -28.52 13.05
C GLY A 104 23.46 -28.83 11.69
N PHE A 105 24.29 -28.68 10.67
CA PHE A 105 23.84 -28.98 9.32
C PHE A 105 23.90 -30.47 9.05
N ARG A 106 24.92 -31.16 9.56
CA ARG A 106 24.95 -32.59 9.37
C ARG A 106 23.59 -33.13 9.82
N SER A 107 23.17 -32.74 11.03
CA SER A 107 21.89 -33.18 11.58
C SER A 107 20.72 -32.86 10.67
N PHE A 108 20.53 -31.57 10.38
CA PHE A 108 19.38 -31.12 9.60
C PHE A 108 19.19 -31.85 8.29
N PHE A 109 20.28 -32.38 7.72
CA PHE A 109 20.16 -33.20 6.50
C PHE A 109 19.79 -34.63 6.80
N ALA A 110 20.32 -35.13 7.91
CA ALA A 110 19.91 -36.41 8.44
C ALA A 110 18.40 -36.42 8.67
N GLU A 111 17.96 -35.48 9.52
CA GLU A 111 16.62 -35.52 10.06
C GLU A 111 15.54 -35.29 9.00
N SER A 112 15.61 -34.15 8.30
CA SER A 112 14.60 -33.71 7.34
C SER A 112 14.27 -34.75 6.23
N ALA A 113 15.28 -35.56 5.91
CA ALA A 113 15.20 -36.56 4.84
C ALA A 113 14.43 -37.83 5.26
N ALA A 114 14.53 -38.13 6.55
CA ALA A 114 13.88 -39.27 7.17
C ALA A 114 12.42 -39.01 7.53
N ASP A 115 11.98 -37.76 7.48
CA ASP A 115 10.57 -37.51 7.73
C ASP A 115 9.64 -38.02 6.62
N PRO A 116 8.57 -38.72 7.02
CA PRO A 116 7.52 -39.20 6.12
C PRO A 116 6.91 -38.18 5.17
N LEU A 117 6.76 -36.91 5.51
CA LEU A 117 6.15 -36.02 4.56
C LEU A 117 7.18 -35.68 3.51
N VAL A 118 8.39 -35.36 3.96
CA VAL A 118 9.51 -35.10 3.08
C VAL A 118 9.57 -36.28 2.08
N ILE A 119 9.88 -37.48 2.58
CA ILE A 119 9.91 -38.70 1.77
C ILE A 119 8.67 -38.89 0.92
N SER A 120 7.52 -38.49 1.40
CA SER A 120 6.31 -38.64 0.61
C SER A 120 6.11 -37.54 -0.42
N LEU A 121 6.77 -36.39 -0.27
CA LEU A 121 6.81 -35.36 -1.33
C LEU A 121 7.85 -35.69 -2.42
N LEU A 122 9.05 -36.05 -1.95
CA LEU A 122 10.14 -36.47 -2.78
C LEU A 122 9.78 -37.66 -3.65
N THR A 123 9.71 -38.87 -3.09
CA THR A 123 9.55 -40.04 -3.98
C THR A 123 8.13 -40.39 -4.42
N GLY A 124 7.13 -39.87 -3.72
CA GLY A 124 5.73 -40.12 -4.07
C GLY A 124 5.30 -39.36 -5.31
N VAL A 125 4.02 -39.41 -5.66
CA VAL A 125 3.64 -38.94 -7.01
C VAL A 125 2.84 -37.63 -7.19
N ALA A 126 3.55 -36.58 -7.62
CA ALA A 126 2.96 -35.35 -8.15
C ALA A 126 1.86 -34.66 -7.33
N LYS A 127 2.17 -34.37 -6.06
CA LYS A 127 1.19 -33.71 -5.21
C LYS A 127 1.13 -32.21 -5.40
N PRO A 128 -0.01 -31.69 -5.91
CA PRO A 128 -0.25 -30.26 -6.13
C PRO A 128 -0.16 -29.47 -4.84
N ASP A 129 -0.77 -30.00 -3.79
CA ASP A 129 -0.89 -29.26 -2.55
C ASP A 129 0.33 -29.29 -1.65
N LEU A 130 0.99 -30.43 -1.51
CA LEU A 130 2.32 -30.42 -0.93
C LEU A 130 3.17 -29.37 -1.61
N LEU A 131 3.06 -29.27 -2.95
CA LEU A 131 3.90 -28.35 -3.74
C LEU A 131 3.47 -26.94 -3.50
N GLN A 132 2.17 -26.69 -3.58
CA GLN A 132 1.62 -25.39 -3.23
C GLN A 132 2.02 -24.93 -1.82
N LEU A 133 2.37 -25.85 -0.95
CA LEU A 133 2.69 -25.46 0.41
C LEU A 133 4.13 -24.97 0.54
N ILE A 134 5.04 -25.66 -0.16
CA ILE A 134 6.45 -25.25 -0.18
C ILE A 134 6.68 -24.14 -1.19
N THR A 135 5.62 -23.69 -1.84
CA THR A 135 5.86 -22.54 -2.64
C THR A 135 4.93 -21.41 -2.34
N THR A 136 3.76 -21.46 -2.95
CA THR A 136 2.96 -20.28 -3.17
C THR A 136 2.49 -19.62 -1.91
N ASP A 137 2.13 -20.43 -0.90
CA ASP A 137 1.97 -19.94 0.48
C ASP A 137 2.92 -20.67 1.47
N SER A 138 4.13 -20.12 1.58
CA SER A 138 5.12 -20.57 2.53
C SER A 138 5.22 -19.49 3.58
N ALA A 139 4.39 -18.46 3.40
CA ALA A 139 4.35 -17.33 4.29
C ALA A 139 4.45 -17.82 5.77
N PRO A 140 3.58 -18.75 6.18
CA PRO A 140 3.72 -19.34 7.52
C PRO A 140 5.02 -20.12 7.87
N ILE A 141 5.44 -21.17 7.13
CA ILE A 141 6.55 -22.06 7.56
C ILE A 141 7.83 -21.25 7.61
N ILE A 142 7.94 -20.33 6.66
CA ILE A 142 9.10 -19.43 6.58
C ILE A 142 9.12 -18.35 7.71
N THR A 143 8.08 -17.52 7.79
CA THR A 143 8.00 -16.47 8.79
C THR A 143 8.38 -17.07 10.13
N ARG A 144 7.77 -18.21 10.38
CA ARG A 144 7.78 -18.87 11.68
C ARG A 144 9.11 -19.50 12.06
N ALA A 145 9.66 -20.31 11.17
CA ALA A 145 10.88 -21.06 11.48
C ALA A 145 12.07 -20.13 11.52
N SER A 146 11.84 -18.86 11.19
CA SER A 146 12.88 -17.87 11.18
C SER A 146 13.10 -17.36 12.57
N ALA A 147 12.07 -16.71 13.10
CA ALA A 147 12.08 -16.12 14.44
C ALA A 147 12.36 -17.20 15.45
N ARG A 148 11.83 -18.39 15.23
CA ARG A 148 12.24 -19.53 16.02
C ARG A 148 13.73 -19.84 15.93
N LEU A 149 14.34 -19.77 14.75
CA LEU A 149 15.78 -20.10 14.59
C LEU A 149 16.65 -19.04 15.15
N ALA A 150 16.25 -17.80 14.91
CA ALA A 150 17.05 -16.64 15.24
C ALA A 150 17.75 -16.65 16.63
N PRO A 151 17.00 -16.97 17.71
CA PRO A 151 17.56 -17.11 19.06
C PRO A 151 18.64 -18.18 19.26
N ALA A 152 18.89 -19.04 18.30
CA ALA A 152 19.97 -20.00 18.52
C ALA A 152 21.27 -19.24 18.38
N PHE A 153 21.23 -18.24 17.50
CA PHE A 153 22.33 -17.32 17.28
C PHE A 153 22.34 -16.15 18.27
N THR A 154 21.17 -15.58 18.56
CA THR A 154 21.16 -14.39 19.37
C THR A 154 21.31 -14.63 20.86
N ASP A 155 20.53 -15.53 21.44
CA ASP A 155 20.59 -15.72 22.88
C ASP A 155 21.85 -16.46 23.32
N THR A 156 22.25 -17.43 22.54
CA THR A 156 23.18 -18.42 23.04
C THR A 156 24.66 -18.04 22.95
N TRP A 157 25.50 -19.06 23.17
CA TRP A 157 26.95 -18.86 23.26
C TRP A 157 27.61 -18.33 22.00
N VAL A 158 26.87 -18.35 20.89
CA VAL A 158 27.31 -17.76 19.63
C VAL A 158 26.78 -16.34 19.70
N ALA A 159 27.64 -15.36 19.98
CA ALA A 159 27.14 -14.00 20.08
C ALA A 159 26.68 -13.75 18.70
N THR A 160 25.55 -13.09 18.55
CA THR A 160 25.30 -12.48 17.26
C THR A 160 24.45 -11.32 17.67
N THR A 161 24.63 -10.18 17.01
CA THR A 161 23.76 -9.08 17.33
C THR A 161 22.43 -9.43 16.74
N ASP A 162 21.43 -8.60 16.98
CA ASP A 162 20.08 -9.00 16.65
C ASP A 162 19.80 -8.94 15.18
N ASN A 163 20.09 -7.81 14.54
CA ASN A 163 19.71 -7.66 13.13
C ASN A 163 20.58 -8.46 12.19
N ASP A 164 21.85 -8.59 12.53
CA ASP A 164 22.72 -9.54 11.87
C ASP A 164 22.18 -10.98 12.03
N ALA A 165 21.58 -11.29 13.17
CA ALA A 165 21.13 -12.66 13.42
C ALA A 165 19.77 -13.01 12.85
N ASN A 166 18.98 -12.01 12.51
CA ASN A 166 17.84 -12.32 11.68
C ASN A 166 18.29 -12.58 10.25
N VAL A 167 19.06 -11.63 9.72
CA VAL A 167 19.55 -11.76 8.37
C VAL A 167 20.13 -13.20 8.21
N LEU A 168 20.95 -13.67 9.17
CA LEU A 168 21.55 -15.01 9.02
C LEU A 168 20.53 -16.13 9.06
N SER A 169 19.78 -16.22 10.15
CA SER A 169 18.81 -17.30 10.30
C SER A 169 17.74 -17.27 9.21
N ARG A 170 17.30 -16.06 8.89
CA ARG A 170 16.29 -15.85 7.86
C ARG A 170 16.74 -16.39 6.51
N ALA A 171 18.04 -16.36 6.24
CA ALA A 171 18.58 -17.01 5.07
C ALA A 171 18.76 -18.50 5.25
N ILE A 172 19.24 -18.93 6.43
CA ILE A 172 19.43 -20.37 6.70
C ILE A 172 18.12 -21.14 6.68
N VAL A 173 17.01 -20.45 6.90
CA VAL A 173 15.72 -21.09 6.72
C VAL A 173 15.43 -21.36 5.25
N ARG A 174 15.56 -20.32 4.42
CA ARG A 174 15.31 -20.41 2.98
C ARG A 174 16.22 -21.39 2.23
N LEU A 175 17.42 -21.61 2.74
CA LEU A 175 18.28 -22.66 2.19
C LEU A 175 17.70 -24.05 2.42
N CYS A 176 17.45 -24.34 3.70
CA CYS A 176 17.03 -25.65 4.19
C CYS A 176 15.72 -26.09 3.58
N LEU A 177 14.84 -25.13 3.49
CA LEU A 177 13.64 -25.25 2.73
C LEU A 177 13.91 -25.63 1.25
N SER A 178 15.04 -25.20 0.68
CA SER A 178 15.41 -25.63 -0.68
C SER A 178 16.02 -27.03 -0.73
N TYR A 179 16.90 -27.32 0.24
CA TYR A 179 17.58 -28.62 0.31
C TYR A 179 16.64 -29.72 0.73
N VAL A 180 15.43 -29.35 1.11
CA VAL A 180 14.39 -30.31 1.49
C VAL A 180 13.65 -30.84 0.28
N SER A 181 13.27 -29.94 -0.62
CA SER A 181 12.71 -30.32 -1.90
C SER A 181 13.79 -30.96 -2.76
N MET A 182 14.93 -30.25 -2.88
CA MET A 182 15.99 -30.62 -3.81
C MET A 182 17.32 -30.95 -3.10
N PRO A 183 17.40 -32.14 -2.54
CA PRO A 183 18.37 -32.77 -1.63
C PRO A 183 19.80 -32.81 -2.11
N PRO A 184 20.77 -32.49 -1.24
CA PRO A 184 22.20 -32.45 -1.54
C PRO A 184 22.71 -33.72 -2.19
N GLU A 185 23.65 -33.57 -3.14
CA GLU A 185 24.20 -34.67 -3.95
C GLU A 185 25.37 -35.39 -3.25
N ALA A 186 25.30 -36.72 -3.15
CA ALA A 186 26.26 -37.45 -2.30
C ALA A 186 27.68 -37.44 -2.88
N ASP A 187 27.80 -36.95 -4.12
CA ASP A 187 29.09 -36.64 -4.72
C ASP A 187 29.97 -35.74 -3.81
N HIS A 188 29.38 -34.60 -3.41
CA HIS A 188 30.04 -33.61 -2.56
C HIS A 188 29.21 -33.28 -1.29
N ASP A 189 29.91 -32.97 -0.19
CA ASP A 189 29.31 -32.88 1.15
C ASP A 189 28.83 -31.45 1.53
N VAL A 190 27.51 -31.26 1.57
CA VAL A 190 26.94 -29.91 1.55
C VAL A 190 27.02 -29.23 2.90
N ALA A 191 26.81 -30.02 3.94
CA ALA A 191 26.85 -29.51 5.32
C ALA A 191 28.12 -28.71 5.50
N ALA A 192 29.22 -29.21 4.95
CA ALA A 192 30.50 -28.52 5.08
C ALA A 192 30.56 -27.15 4.37
N ASP A 193 30.26 -27.08 3.06
CA ASP A 193 30.32 -25.79 2.36
C ASP A 193 29.53 -24.77 3.17
N LEU A 194 28.34 -25.18 3.61
CA LEU A 194 27.45 -24.26 4.30
C LEU A 194 28.02 -23.77 5.62
N ALA A 195 28.57 -24.68 6.42
CA ALA A 195 29.31 -24.29 7.61
C ALA A 195 30.36 -23.23 7.27
N ARG A 196 31.22 -23.57 6.29
CA ARG A 196 32.33 -22.70 5.91
C ARG A 196 31.85 -21.38 5.36
N LEU A 197 30.61 -21.37 4.89
CA LEU A 197 29.98 -20.18 4.35
C LEU A 197 29.45 -19.22 5.41
N ILE A 198 28.80 -19.74 6.46
CA ILE A 198 28.31 -18.86 7.57
C ILE A 198 29.29 -18.51 8.69
N THR A 199 30.36 -19.29 8.88
CA THR A 199 31.33 -19.00 9.95
C THR A 199 31.95 -17.60 9.84
N PRO A 200 32.56 -17.28 8.68
CA PRO A 200 32.91 -15.91 8.35
C PRO A 200 31.81 -14.89 8.64
N PHE A 201 30.53 -15.26 8.52
CA PHE A 201 29.47 -14.37 8.98
C PHE A 201 29.43 -14.24 10.49
N ALA A 202 29.60 -15.38 11.16
CA ALA A 202 29.44 -15.53 12.60
C ALA A 202 30.38 -14.65 13.37
N GLU A 203 31.64 -14.70 12.98
CA GLU A 203 32.70 -14.05 13.73
C GLU A 203 32.70 -12.55 13.55
N ARG A 204 32.50 -12.09 12.33
CA ARG A 204 32.46 -10.65 12.11
C ARG A 204 31.34 -10.05 12.92
N HIS A 205 30.18 -10.71 12.93
CA HIS A 205 28.98 -10.07 13.48
C HIS A 205 28.54 -10.37 14.96
N GLY A 206 29.31 -11.16 15.71
CA GLY A 206 29.00 -11.35 17.12
C GLY A 206 29.16 -10.10 18.01
N VAL A 207 28.77 -10.20 19.29
CA VAL A 207 29.33 -9.31 20.32
C VAL A 207 30.13 -10.05 21.40
N ARG B 13 33.53 -20.50 -36.91
CA ARG B 13 33.36 -21.94 -37.06
C ARG B 13 32.15 -22.50 -36.25
N ILE B 14 30.93 -22.33 -36.78
CA ILE B 14 29.76 -22.96 -36.18
C ILE B 14 29.15 -24.00 -37.14
N PRO B 15 29.41 -25.29 -36.88
CA PRO B 15 29.00 -26.37 -37.81
C PRO B 15 27.53 -26.19 -38.11
N TYR B 16 27.12 -26.12 -39.39
CA TYR B 16 25.86 -25.44 -39.72
C TYR B 16 24.68 -25.86 -38.89
N ALA B 17 24.26 -27.11 -39.09
CA ALA B 17 23.03 -27.66 -38.47
C ALA B 17 23.00 -27.36 -36.94
N GLU B 18 24.18 -27.36 -36.33
CA GLU B 18 24.32 -26.94 -34.96
C GLU B 18 23.80 -25.50 -34.70
N ALA B 19 24.49 -24.48 -35.18
CA ALA B 19 24.11 -23.10 -34.84
C ALA B 19 22.70 -22.72 -35.31
N SER B 20 22.09 -23.61 -36.09
CA SER B 20 20.74 -23.41 -36.64
C SER B 20 19.64 -23.74 -35.65
N ARG B 21 19.92 -24.75 -34.80
CA ARG B 21 19.02 -25.21 -33.74
C ARG B 21 19.14 -24.23 -32.60
N ALA B 22 20.37 -23.87 -32.28
CA ALA B 22 20.61 -22.86 -31.30
C ALA B 22 19.79 -21.66 -31.73
N LEU B 23 19.77 -21.37 -33.03
CA LEU B 23 18.94 -20.27 -33.52
C LEU B 23 17.49 -20.69 -33.40
N LEU B 24 17.27 -21.99 -33.57
CA LEU B 24 15.93 -22.53 -33.49
C LEU B 24 15.32 -22.25 -32.12
N ARG B 25 16.04 -22.64 -31.05
CA ARG B 25 15.56 -22.52 -29.66
C ARG B 25 15.15 -21.10 -29.41
N ASP B 26 16.08 -20.16 -29.55
CA ASP B 26 15.76 -18.77 -29.22
C ASP B 26 14.61 -18.24 -30.04
N SER B 27 14.25 -18.97 -31.08
CA SER B 27 13.14 -18.56 -31.91
C SER B 27 11.82 -18.78 -31.20
N VAL B 28 11.70 -19.97 -30.58
CA VAL B 28 10.48 -20.42 -29.89
C VAL B 28 10.22 -19.60 -28.63
N LEU B 29 11.26 -19.57 -27.76
CA LEU B 29 11.17 -18.99 -26.43
C LEU B 29 10.93 -17.51 -26.52
N ASP B 30 11.37 -16.90 -27.61
CA ASP B 30 11.12 -15.47 -27.83
C ASP B 30 9.70 -15.31 -28.32
N ALA B 31 9.12 -16.41 -28.75
CA ALA B 31 7.69 -16.43 -29.10
C ALA B 31 6.86 -16.35 -27.84
N MET B 32 7.13 -17.28 -26.91
CA MET B 32 6.45 -17.29 -25.61
C MET B 32 6.76 -16.05 -24.76
N ARG B 33 8.04 -15.65 -24.61
CA ARG B 33 8.38 -14.42 -23.90
C ARG B 33 7.48 -13.29 -24.42
N ASP B 34 7.14 -13.35 -25.70
CA ASP B 34 6.18 -12.41 -26.27
C ASP B 34 4.71 -12.77 -26.04
N LEU B 35 4.42 -14.08 -26.02
CA LEU B 35 3.08 -14.64 -25.82
C LEU B 35 2.47 -14.36 -24.43
N LEU B 36 3.27 -14.62 -23.40
CA LEU B 36 2.87 -14.48 -22.01
C LEU B 36 2.70 -13.00 -21.65
N LEU B 37 2.94 -12.11 -22.60
CA LEU B 37 2.61 -10.70 -22.39
C LEU B 37 1.11 -10.44 -22.51
N THR B 38 0.46 -11.19 -23.40
CA THR B 38 -0.98 -11.08 -23.58
C THR B 38 -1.79 -12.26 -22.96
N ARG B 39 -1.09 -13.28 -22.47
CA ARG B 39 -1.76 -14.48 -21.95
C ARG B 39 -1.09 -15.05 -20.67
N ASP B 40 -1.45 -16.25 -20.25
CA ASP B 40 -0.73 -16.83 -19.13
C ASP B 40 -0.36 -18.25 -19.46
N TRP B 41 0.67 -18.78 -18.83
CA TRP B 41 1.30 -20.02 -19.30
C TRP B 41 0.36 -21.21 -19.31
N SER B 42 -0.84 -21.04 -18.76
CA SER B 42 -1.89 -22.07 -18.84
C SER B 42 -2.55 -22.22 -20.21
N ALA B 43 -2.64 -21.11 -20.95
CA ALA B 43 -3.28 -21.03 -22.28
C ALA B 43 -2.33 -21.27 -23.46
N ILE B 44 -1.11 -21.68 -23.15
CA ILE B 44 -0.10 -21.90 -24.18
C ILE B 44 0.12 -23.44 -24.38
N THR B 45 0.07 -23.90 -25.63
CA THR B 45 0.39 -25.29 -26.06
C THR B 45 1.83 -25.33 -26.59
N LEU B 46 2.25 -26.44 -27.19
CA LEU B 46 3.35 -26.36 -28.14
C LEU B 46 2.76 -25.69 -29.36
N SER B 47 1.71 -26.32 -29.88
CA SER B 47 1.02 -25.86 -31.07
C SER B 47 0.32 -24.52 -30.83
N ASP B 48 0.38 -24.03 -29.60
CA ASP B 48 -0.10 -22.69 -29.33
C ASP B 48 0.95 -21.66 -29.79
N VAL B 49 2.22 -21.91 -29.42
CA VAL B 49 3.35 -21.07 -29.86
C VAL B 49 3.90 -21.39 -31.25
N ALA B 50 4.08 -22.68 -31.56
CA ALA B 50 4.69 -23.09 -32.83
C ALA B 50 4.00 -22.33 -33.98
N ARG B 51 2.79 -21.84 -33.72
CA ARG B 51 2.17 -20.88 -34.63
C ARG B 51 2.78 -19.45 -34.66
N ALA B 52 2.83 -18.72 -33.55
CA ALA B 52 3.39 -17.36 -33.64
C ALA B 52 4.92 -17.33 -33.55
N ALA B 53 5.53 -18.50 -33.45
CA ALA B 53 6.98 -18.62 -33.54
C ALA B 53 7.35 -18.90 -34.98
N GLY B 54 6.33 -19.25 -35.76
CA GLY B 54 6.44 -19.51 -37.18
C GLY B 54 6.98 -20.85 -37.62
N ILE B 55 6.76 -21.92 -36.85
CA ILE B 55 7.22 -23.25 -37.27
C ILE B 55 6.08 -24.29 -37.26
N SER B 56 6.36 -25.51 -37.72
CA SER B 56 5.35 -26.57 -37.78
C SER B 56 5.19 -27.27 -36.43
N ARG B 57 4.05 -27.91 -36.21
CA ARG B 57 3.88 -28.58 -34.94
C ARG B 57 4.94 -29.65 -34.76
N GLN B 58 4.94 -30.66 -35.63
CA GLN B 58 5.78 -31.85 -35.41
C GLN B 58 7.24 -31.51 -35.09
N THR B 59 7.71 -30.42 -35.69
CA THR B 59 9.12 -30.02 -35.60
C THR B 59 9.57 -29.56 -34.20
N ILE B 60 8.70 -28.79 -33.52
CA ILE B 60 8.95 -28.20 -32.19
C ILE B 60 9.05 -29.26 -31.10
N TYR B 61 8.06 -30.15 -31.06
CA TYR B 61 8.06 -31.25 -30.11
C TYR B 61 9.21 -32.24 -30.39
N ASN B 62 9.88 -32.12 -31.53
CA ASN B 62 11.08 -32.93 -31.66
C ASN B 62 12.29 -32.33 -30.91
N GLU B 63 12.29 -31.01 -30.71
CA GLU B 63 13.31 -30.38 -29.85
C GLU B 63 13.05 -30.40 -28.32
N PHE B 64 11.83 -30.03 -27.93
CA PHE B 64 11.46 -29.98 -26.52
C PHE B 64 10.64 -31.21 -26.16
N GLY B 65 9.36 -31.16 -26.55
CA GLY B 65 8.47 -32.30 -26.55
C GLY B 65 7.36 -32.26 -25.53
N SER B 66 7.54 -31.50 -24.47
CA SER B 66 6.51 -31.45 -23.46
C SER B 66 6.11 -30.01 -23.44
N ARG B 67 5.00 -29.68 -22.82
CA ARG B 67 4.83 -28.29 -22.52
C ARG B 67 5.92 -27.97 -21.49
N GLN B 68 6.23 -28.96 -20.66
CA GLN B 68 7.20 -28.75 -19.58
C GLN B 68 8.62 -29.12 -19.98
N GLY B 69 8.79 -29.46 -21.25
CA GLY B 69 10.11 -29.45 -21.88
C GLY B 69 10.49 -28.05 -22.34
N LEU B 70 9.53 -27.33 -22.93
CA LEU B 70 9.75 -25.99 -23.46
C LEU B 70 9.63 -24.94 -22.35
N ALA B 71 9.04 -25.34 -21.23
CA ALA B 71 9.07 -24.49 -20.05
C ALA B 71 10.36 -24.69 -19.29
N GLN B 72 10.80 -25.94 -19.12
CA GLN B 72 12.07 -26.22 -18.42
C GLN B 72 13.22 -25.58 -19.16
N GLY B 73 13.01 -25.40 -20.47
CA GLY B 73 14.01 -24.84 -21.37
C GLY B 73 14.15 -23.34 -21.27
N TYR B 74 13.00 -22.67 -21.31
CA TYR B 74 12.94 -21.23 -21.12
C TYR B 74 13.65 -20.86 -19.81
N ALA B 75 13.64 -21.81 -18.88
CA ALA B 75 14.21 -21.65 -17.54
C ALA B 75 15.72 -21.66 -17.49
N LEU B 76 16.37 -22.70 -18.00
CA LEU B 76 17.83 -22.61 -18.09
C LEU B 76 18.36 -21.38 -18.87
N ARG B 77 17.57 -20.87 -19.83
CA ARG B 77 17.97 -19.64 -20.48
C ARG B 77 18.01 -18.57 -19.39
N LEU B 78 16.86 -18.34 -18.77
CA LEU B 78 16.71 -17.22 -17.83
C LEU B 78 17.69 -17.35 -16.70
N ALA B 79 18.03 -18.59 -16.35
CA ALA B 79 19.15 -18.86 -15.47
C ALA B 79 20.33 -18.06 -15.97
N ASP B 80 20.56 -18.18 -17.28
CA ASP B 80 21.76 -17.65 -17.89
C ASP B 80 21.77 -16.17 -18.30
N ARG B 81 20.65 -15.64 -18.81
CA ARG B 81 20.52 -14.18 -18.97
C ARG B 81 20.88 -13.56 -17.62
N LEU B 82 20.41 -14.19 -16.55
CA LEU B 82 20.58 -13.68 -15.21
C LEU B 82 21.88 -14.00 -14.54
N VAL B 83 22.47 -15.15 -14.81
CA VAL B 83 23.74 -15.43 -14.17
C VAL B 83 24.84 -14.62 -14.87
N ASP B 84 24.52 -14.02 -16.01
CA ASP B 84 25.53 -13.31 -16.79
C ASP B 84 25.66 -11.81 -16.65
N ASN B 85 24.79 -11.19 -15.90
CA ASN B 85 25.00 -9.82 -15.49
C ASN B 85 25.76 -9.78 -14.18
N VAL B 86 26.28 -10.94 -13.77
CA VAL B 86 27.16 -10.98 -12.62
C VAL B 86 28.54 -10.43 -12.96
N HIS B 87 29.28 -11.16 -13.82
CA HIS B 87 30.64 -10.80 -14.23
C HIS B 87 30.59 -9.34 -14.66
N ALA B 88 29.48 -8.98 -15.28
CA ALA B 88 29.23 -7.59 -15.64
C ALA B 88 29.24 -6.63 -14.43
N SER B 89 28.37 -6.80 -13.44
CA SER B 89 28.38 -5.83 -12.33
C SER B 89 29.37 -6.15 -11.21
N LEU B 90 29.87 -7.38 -11.20
CA LEU B 90 30.96 -7.74 -10.33
C LEU B 90 32.15 -6.84 -10.68
N ASP B 91 32.39 -6.65 -11.99
CA ASP B 91 33.52 -5.86 -12.49
C ASP B 91 33.28 -4.37 -12.58
N ALA B 92 32.02 -3.94 -12.50
CA ALA B 92 31.69 -2.52 -12.51
C ALA B 92 32.00 -1.88 -11.16
N ASN B 93 32.18 -2.76 -10.16
CA ASN B 93 32.48 -2.42 -8.76
C ASN B 93 33.87 -2.61 -8.15
N VAL B 94 34.89 -2.84 -8.97
CA VAL B 94 36.17 -3.44 -8.54
C VAL B 94 36.74 -2.90 -7.24
N GLY B 95 37.08 -3.83 -6.37
CA GLY B 95 37.60 -3.56 -5.04
C GLY B 95 36.67 -3.56 -3.81
N ASN B 96 35.37 -3.32 -3.99
CA ASN B 96 34.43 -3.29 -2.86
C ASN B 96 33.26 -4.31 -2.91
N PHE B 97 33.39 -5.35 -2.08
CA PHE B 97 32.57 -6.55 -2.18
C PHE B 97 31.11 -6.30 -1.93
N TYR B 98 30.82 -5.56 -0.88
CA TYR B 98 29.43 -5.34 -0.59
C TYR B 98 28.78 -4.54 -1.72
N GLU B 99 29.40 -3.49 -2.23
CA GLU B 99 28.68 -2.77 -3.30
C GLU B 99 28.47 -3.65 -4.52
N ALA B 100 29.48 -4.46 -4.83
CA ALA B 100 29.48 -5.39 -5.96
C ALA B 100 28.33 -6.40 -5.91
N PHE B 101 28.41 -7.23 -4.87
CA PHE B 101 27.45 -8.27 -4.61
C PHE B 101 26.05 -7.64 -4.59
N LEU B 102 25.86 -6.52 -3.89
CA LEU B 102 24.53 -5.89 -3.83
C LEU B 102 23.96 -5.58 -5.21
N GLN B 103 24.60 -4.64 -5.89
CA GLN B 103 24.13 -4.17 -7.19
C GLN B 103 23.95 -5.34 -8.14
N GLY B 104 24.79 -6.36 -7.99
CA GLY B 104 24.63 -7.58 -8.75
C GLY B 104 23.26 -8.20 -8.47
N PHE B 105 22.96 -8.36 -7.18
CA PHE B 105 21.69 -8.93 -6.77
C PHE B 105 20.51 -8.01 -7.08
N ARG B 106 20.64 -6.71 -6.90
CA ARG B 106 19.48 -5.86 -7.13
C ARG B 106 18.90 -6.06 -8.54
N SER B 107 19.80 -6.23 -9.52
CA SER B 107 19.40 -6.52 -10.90
C SER B 107 18.67 -7.88 -11.01
N PHE B 108 19.30 -8.93 -10.50
CA PHE B 108 18.67 -10.23 -10.45
C PHE B 108 17.24 -10.22 -9.90
N PHE B 109 16.94 -9.35 -8.94
CA PHE B 109 15.54 -9.23 -8.49
C PHE B 109 14.63 -8.42 -9.40
N ALA B 110 15.03 -7.20 -9.74
CA ALA B 110 14.14 -6.36 -10.55
C ALA B 110 14.08 -6.86 -12.02
N GLU B 111 14.93 -7.84 -12.34
CA GLU B 111 14.92 -8.49 -13.66
C GLU B 111 13.92 -9.62 -13.59
N SER B 112 14.21 -10.55 -12.68
CA SER B 112 13.42 -11.77 -12.44
C SER B 112 11.96 -11.41 -12.43
N ALA B 113 11.64 -10.32 -11.73
CA ALA B 113 10.27 -9.86 -11.54
C ALA B 113 9.66 -9.32 -12.82
N ALA B 114 10.53 -8.85 -13.72
CA ALA B 114 10.07 -8.27 -14.97
C ALA B 114 9.75 -9.30 -16.07
N ASP B 115 10.49 -10.42 -16.05
CA ASP B 115 10.21 -11.50 -16.97
C ASP B 115 8.77 -11.97 -16.82
N PRO B 116 8.07 -12.12 -17.97
CA PRO B 116 6.70 -12.60 -18.15
C PRO B 116 6.39 -14.08 -17.81
N LEU B 117 7.36 -14.99 -17.80
CA LEU B 117 7.04 -16.36 -17.43
C LEU B 117 6.92 -16.41 -15.93
N VAL B 118 7.69 -15.56 -15.26
CA VAL B 118 7.67 -15.46 -13.81
C VAL B 118 6.45 -14.69 -13.36
N ILE B 119 6.08 -13.65 -14.09
CA ILE B 119 4.81 -12.96 -13.83
C ILE B 119 3.64 -13.94 -14.06
N SER B 120 3.94 -15.05 -14.72
CA SER B 120 2.98 -16.12 -14.89
C SER B 120 2.97 -17.02 -13.64
N LEU B 121 4.17 -17.37 -13.15
CA LEU B 121 4.32 -18.15 -11.92
C LEU B 121 3.56 -17.44 -10.83
N LEU B 122 3.76 -16.14 -10.75
CA LEU B 122 3.29 -15.35 -9.62
C LEU B 122 1.78 -15.04 -9.64
N THR B 123 1.32 -14.18 -10.53
CA THR B 123 -0.10 -13.82 -10.51
C THR B 123 -1.02 -14.82 -11.26
N GLY B 124 -0.39 -15.65 -12.08
CA GLY B 124 -1.11 -16.65 -12.84
C GLY B 124 -1.67 -17.71 -11.92
N VAL B 125 -2.84 -18.22 -12.28
CA VAL B 125 -3.47 -19.29 -11.52
C VAL B 125 -2.61 -20.56 -11.53
N ALA B 126 -2.32 -21.07 -10.35
CA ALA B 126 -2.07 -22.50 -10.14
C ALA B 126 -1.28 -23.26 -11.20
N LYS B 127 0.01 -23.08 -11.35
CA LYS B 127 0.67 -24.07 -12.18
C LYS B 127 1.49 -25.00 -11.30
N PRO B 128 0.95 -26.20 -11.05
CA PRO B 128 1.58 -27.33 -10.36
C PRO B 128 2.66 -27.96 -11.21
N ASP B 129 2.66 -27.60 -12.49
CA ASP B 129 3.78 -27.89 -13.38
C ASP B 129 5.01 -27.07 -13.00
N LEU B 130 4.87 -25.74 -13.03
CA LEU B 130 5.95 -24.78 -12.77
C LEU B 130 6.62 -25.00 -11.41
N LEU B 131 5.78 -25.23 -10.42
CA LEU B 131 6.22 -25.43 -9.06
C LEU B 131 7.05 -26.72 -8.92
N GLN B 132 6.95 -27.60 -9.93
CA GLN B 132 7.73 -28.83 -9.96
C GLN B 132 9.17 -28.52 -10.37
N LEU B 133 9.27 -27.48 -11.19
CA LEU B 133 10.53 -27.08 -11.83
C LEU B 133 11.42 -26.28 -10.90
N ILE B 134 10.85 -25.34 -10.15
CA ILE B 134 11.67 -24.52 -9.29
C ILE B 134 12.02 -25.16 -7.93
N THR B 135 11.47 -26.35 -7.64
CA THR B 135 11.61 -26.96 -6.30
C THR B 135 12.25 -28.36 -6.22
N THR B 136 11.45 -29.39 -6.54
CA THR B 136 11.82 -30.80 -6.40
C THR B 136 12.60 -31.25 -7.60
N ASP B 137 12.10 -30.78 -8.73
CA ASP B 137 12.64 -31.02 -10.06
C ASP B 137 13.52 -29.89 -10.62
N SER B 138 13.78 -28.91 -9.76
CA SER B 138 14.74 -27.84 -10.06
C SER B 138 16.14 -28.36 -10.36
N ALA B 139 16.38 -29.63 -10.06
CA ALA B 139 17.74 -30.18 -10.07
C ALA B 139 18.63 -29.72 -11.26
N PRO B 140 18.12 -29.80 -12.51
CA PRO B 140 18.98 -29.26 -13.56
C PRO B 140 19.18 -27.72 -13.52
N ILE B 141 18.13 -26.90 -13.29
CA ILE B 141 18.29 -25.42 -13.25
C ILE B 141 19.42 -25.01 -12.34
N ILE B 142 19.36 -25.46 -11.09
CA ILE B 142 20.37 -25.09 -10.09
C ILE B 142 21.69 -25.61 -10.56
N THR B 143 21.71 -26.87 -10.97
CA THR B 143 22.96 -27.56 -11.18
C THR B 143 23.79 -26.85 -12.28
N ARG B 144 23.13 -26.34 -13.32
CA ARG B 144 23.76 -25.56 -14.40
C ARG B 144 24.24 -24.20 -13.94
N ALA B 145 23.29 -23.39 -13.44
CA ALA B 145 23.56 -21.99 -13.07
C ALA B 145 24.56 -21.93 -11.91
N SER B 146 24.81 -23.08 -11.32
CA SER B 146 25.80 -23.20 -10.28
C SER B 146 27.24 -23.06 -10.78
N ALA B 147 27.64 -23.84 -11.78
CA ALA B 147 29.02 -23.76 -12.25
C ALA B 147 29.13 -22.59 -13.19
N ARG B 148 28.03 -22.27 -13.86
CA ARG B 148 28.03 -21.09 -14.71
C ARG B 148 28.42 -19.82 -13.92
N LEU B 149 27.91 -19.69 -12.69
CA LEU B 149 28.25 -18.54 -11.84
C LEU B 149 29.58 -18.69 -11.09
N ALA B 150 30.09 -19.92 -11.03
CA ALA B 150 31.33 -20.21 -10.31
C ALA B 150 32.55 -19.34 -10.67
N PRO B 151 32.91 -19.26 -12.00
CA PRO B 151 34.01 -18.49 -12.58
C PRO B 151 33.93 -17.02 -12.24
N ALA B 152 32.73 -16.45 -12.25
CA ALA B 152 32.56 -15.03 -11.99
C ALA B 152 33.42 -14.61 -10.80
N PHE B 153 33.42 -15.42 -9.76
CA PHE B 153 34.29 -15.19 -8.59
C PHE B 153 35.70 -15.73 -8.75
N THR B 154 35.90 -16.68 -9.65
CA THR B 154 37.23 -17.23 -9.80
C THR B 154 38.12 -16.40 -10.76
N ASP B 155 37.52 -15.97 -11.87
CA ASP B 155 38.25 -15.29 -12.92
C ASP B 155 38.13 -13.81 -12.80
N THR B 156 37.37 -13.35 -11.82
CA THR B 156 37.25 -11.89 -11.69
C THR B 156 38.16 -11.32 -10.60
N TRP B 157 37.94 -10.06 -10.27
CA TRP B 157 38.83 -9.37 -9.37
C TRP B 157 38.72 -9.80 -7.93
N VAL B 158 37.69 -10.58 -7.64
CA VAL B 158 37.55 -11.19 -6.34
C VAL B 158 38.26 -12.51 -6.52
N ALA B 159 39.48 -12.67 -6.04
CA ALA B 159 40.22 -13.79 -6.60
C ALA B 159 39.93 -14.93 -5.70
N THR B 160 39.10 -15.84 -6.16
CA THR B 160 38.55 -16.76 -5.18
C THR B 160 38.99 -18.15 -5.44
N THR B 161 39.58 -18.76 -4.43
CA THR B 161 40.17 -20.08 -4.61
C THR B 161 39.11 -20.97 -5.23
N ASP B 162 39.52 -21.91 -6.09
CA ASP B 162 38.58 -22.61 -6.97
C ASP B 162 37.38 -23.31 -6.33
N ASN B 163 37.63 -24.15 -5.32
CA ASN B 163 36.54 -24.76 -4.56
C ASN B 163 35.55 -23.73 -3.97
N ASP B 164 36.08 -22.74 -3.28
CA ASP B 164 35.26 -21.71 -2.63
C ASP B 164 34.36 -20.96 -3.60
N ALA B 165 34.55 -21.15 -4.88
CA ALA B 165 33.69 -20.50 -5.85
C ALA B 165 32.38 -21.27 -5.99
N ASN B 166 32.45 -22.58 -5.82
CA ASN B 166 31.24 -23.38 -5.80
C ASN B 166 30.55 -23.35 -4.42
N VAL B 167 31.34 -23.49 -3.36
CA VAL B 167 30.88 -23.31 -1.99
C VAL B 167 30.12 -21.99 -1.87
N LEU B 168 30.53 -21.01 -2.66
CA LEU B 168 29.83 -19.76 -2.74
C LEU B 168 28.65 -19.91 -3.65
N SER B 169 28.88 -20.51 -4.80
CA SER B 169 27.91 -20.43 -5.87
C SER B 169 26.72 -21.38 -5.75
N ARG B 170 26.99 -22.61 -5.30
CA ARG B 170 25.93 -23.58 -5.09
C ARG B 170 24.88 -22.93 -4.20
N ALA B 171 25.39 -22.09 -3.30
CA ALA B 171 24.57 -21.35 -2.37
C ALA B 171 23.85 -20.13 -2.97
N ILE B 172 24.53 -19.32 -3.76
CA ILE B 172 23.86 -18.10 -4.20
C ILE B 172 22.75 -18.38 -5.19
N VAL B 173 22.83 -19.51 -5.88
CA VAL B 173 21.75 -19.83 -6.81
C VAL B 173 20.51 -20.43 -6.13
N ARG B 174 20.72 -21.28 -5.10
CA ARG B 174 19.61 -21.92 -4.34
C ARG B 174 18.74 -20.86 -3.69
N LEU B 175 19.43 -19.95 -3.00
CA LEU B 175 18.83 -18.84 -2.28
C LEU B 175 18.10 -17.87 -3.18
N CYS B 176 18.51 -17.83 -4.44
CA CYS B 176 17.89 -16.95 -5.45
C CYS B 176 16.62 -17.60 -5.98
N LEU B 177 16.74 -18.89 -6.28
CA LEU B 177 15.66 -19.62 -6.91
C LEU B 177 14.44 -19.41 -6.02
N SER B 178 14.73 -19.28 -4.74
CA SER B 178 13.75 -19.34 -3.65
C SER B 178 13.06 -18.02 -3.36
N TYR B 179 13.35 -16.98 -4.13
CA TYR B 179 12.45 -15.85 -4.15
C TYR B 179 11.53 -15.96 -5.33
N VAL B 180 11.86 -16.89 -6.23
CA VAL B 180 10.93 -17.18 -7.30
C VAL B 180 9.91 -18.16 -6.73
N SER B 181 10.37 -19.34 -6.28
CA SER B 181 9.47 -20.38 -5.76
C SER B 181 8.62 -19.81 -4.66
N MET B 182 9.26 -19.29 -3.61
CA MET B 182 8.57 -18.63 -2.51
C MET B 182 8.82 -17.14 -2.36
N PRO B 183 7.82 -16.36 -2.74
CA PRO B 183 7.75 -14.90 -2.78
C PRO B 183 7.99 -14.28 -1.42
N PRO B 184 8.78 -13.19 -1.35
CA PRO B 184 9.05 -12.49 -0.10
C PRO B 184 7.75 -12.06 0.58
N GLU B 185 7.67 -12.46 1.85
CA GLU B 185 6.52 -12.42 2.73
C GLU B 185 6.38 -11.06 3.38
N ALA B 186 7.51 -10.51 3.81
CA ALA B 186 7.51 -9.19 4.42
C ALA B 186 8.24 -8.25 3.50
N ASP B 187 8.33 -7.00 3.91
CA ASP B 187 8.83 -5.99 3.01
C ASP B 187 10.32 -5.70 3.22
N HIS B 188 10.97 -6.40 4.15
CA HIS B 188 12.41 -6.17 4.27
C HIS B 188 13.11 -6.56 2.96
N ASP B 189 14.06 -5.74 2.54
CA ASP B 189 14.60 -5.81 1.18
C ASP B 189 15.74 -6.84 1.02
N VAL B 190 15.45 -7.80 0.17
CA VAL B 190 16.11 -9.08 0.18
C VAL B 190 17.45 -9.13 -0.48
N ALA B 191 17.71 -8.16 -1.36
CA ALA B 191 18.98 -8.03 -2.10
C ALA B 191 20.03 -7.49 -1.14
N ALA B 192 19.56 -6.50 -0.38
CA ALA B 192 20.27 -5.96 0.74
C ALA B 192 20.78 -7.11 1.54
N ASP B 193 19.85 -7.80 2.21
CA ASP B 193 20.17 -8.80 3.21
C ASP B 193 21.05 -9.95 2.65
N LEU B 194 20.80 -10.26 1.39
CA LEU B 194 21.55 -11.29 0.69
C LEU B 194 23.04 -10.92 0.49
N ALA B 195 23.28 -9.70 -0.02
CA ALA B 195 24.62 -9.12 -0.12
C ALA B 195 25.43 -9.33 1.17
N ARG B 196 24.70 -9.17 2.28
CA ARG B 196 25.16 -8.99 3.66
C ARG B 196 25.79 -10.23 4.27
N LEU B 197 25.26 -11.36 3.82
CA LEU B 197 25.60 -12.69 4.34
C LEU B 197 26.89 -13.28 3.71
N ILE B 198 27.03 -13.09 2.40
CA ILE B 198 28.24 -13.54 1.70
C ILE B 198 29.47 -12.58 1.72
N THR B 199 29.24 -11.29 1.94
CA THR B 199 30.34 -10.35 2.04
C THR B 199 31.42 -10.87 2.97
N PRO B 200 31.08 -11.14 4.25
CA PRO B 200 32.14 -11.49 5.22
C PRO B 200 32.77 -12.84 4.94
N PHE B 201 32.12 -13.66 4.12
CA PHE B 201 32.80 -14.84 3.57
C PHE B 201 33.91 -14.42 2.63
N ALA B 202 33.53 -13.68 1.59
CA ALA B 202 34.48 -13.18 0.59
C ALA B 202 35.70 -12.43 1.16
N GLU B 203 35.47 -11.50 2.09
CA GLU B 203 36.57 -10.75 2.72
C GLU B 203 37.66 -11.65 3.27
N ARG B 204 37.26 -12.69 3.99
CA ARG B 204 38.22 -13.65 4.48
C ARG B 204 38.75 -14.56 3.33
N HIS B 205 37.86 -15.25 2.61
CA HIS B 205 38.26 -16.23 1.57
C HIS B 205 38.58 -15.78 0.09
N GLY B 206 38.51 -14.48 -0.22
CA GLY B 206 39.05 -13.95 -1.46
C GLY B 206 40.57 -13.86 -1.34
N VAL B 207 41.30 -13.71 -2.45
CA VAL B 207 42.77 -13.80 -2.42
C VAL B 207 43.46 -12.66 -3.17
N ILE C 14 28.96 45.53 -38.35
CA ILE C 14 29.64 46.06 -39.54
C ILE C 14 31.16 45.68 -39.60
N PRO C 15 32.00 46.15 -38.63
CA PRO C 15 33.49 46.14 -38.61
C PRO C 15 34.20 44.80 -38.93
N TYR C 16 35.25 44.79 -39.78
CA TYR C 16 35.94 43.52 -40.17
C TYR C 16 36.54 42.66 -39.05
N ALA C 17 37.56 43.17 -38.36
CA ALA C 17 38.24 42.37 -37.35
C ALA C 17 37.25 41.78 -36.33
N GLU C 18 36.05 42.38 -36.29
CA GLU C 18 34.94 41.76 -35.62
C GLU C 18 34.37 40.63 -36.45
N ALA C 19 33.67 40.93 -37.54
CA ALA C 19 33.00 39.85 -38.30
C ALA C 19 34.02 38.84 -38.82
N SER C 20 35.31 39.20 -38.71
CA SER C 20 36.41 38.27 -38.96
C SER C 20 36.31 37.11 -38.01
N ARG C 21 36.32 37.41 -36.71
CA ARG C 21 36.13 36.40 -35.67
C ARG C 21 34.78 35.66 -35.82
N ALA C 22 33.65 36.38 -35.84
CA ALA C 22 32.37 35.69 -35.78
C ALA C 22 32.14 34.69 -36.91
N LEU C 23 32.99 34.77 -37.94
CA LEU C 23 33.09 33.71 -38.95
C LEU C 23 33.95 32.54 -38.45
N LEU C 24 35.12 32.86 -37.92
CA LEU C 24 35.95 31.86 -37.29
C LEU C 24 35.13 31.13 -36.24
N ARG C 25 34.35 31.87 -35.44
CA ARG C 25 33.45 31.24 -34.46
C ARG C 25 32.42 30.31 -35.09
N ASP C 26 31.39 30.82 -35.74
CA ASP C 26 30.29 29.95 -36.19
C ASP C 26 30.72 28.87 -37.18
N SER C 27 31.94 29.05 -37.68
CA SER C 27 32.61 28.02 -38.45
C SER C 27 33.00 26.83 -37.58
N VAL C 28 33.74 27.07 -36.50
CA VAL C 28 34.29 26.00 -35.68
C VAL C 28 33.21 25.23 -34.88
N LEU C 29 32.16 25.94 -34.49
CA LEU C 29 31.05 25.38 -33.74
C LEU C 29 30.12 24.66 -34.69
N ASP C 30 30.26 24.95 -35.98
CA ASP C 30 29.56 24.10 -36.93
C ASP C 30 30.43 22.87 -37.19
N ALA C 31 31.72 23.00 -36.89
CA ALA C 31 32.68 21.94 -37.18
C ALA C 31 32.39 20.84 -36.24
N MET C 32 32.39 21.24 -34.96
CA MET C 32 32.08 20.47 -33.75
C MET C 32 30.75 19.75 -33.86
N ARG C 33 29.66 20.50 -34.09
CA ARG C 33 28.36 19.86 -34.34
C ARG C 33 28.48 18.71 -35.33
N ASP C 34 28.78 19.00 -36.59
CA ASP C 34 28.95 17.95 -37.59
C ASP C 34 29.80 16.81 -37.07
N LEU C 35 30.84 17.13 -36.29
CA LEU C 35 31.71 16.11 -35.71
C LEU C 35 30.91 15.29 -34.72
N LEU C 36 30.04 15.94 -33.93
CA LEU C 36 29.22 15.24 -32.92
C LEU C 36 28.24 14.23 -33.52
N LEU C 37 27.59 14.59 -34.62
CA LEU C 37 26.53 13.72 -35.15
C LEU C 37 27.14 12.36 -35.52
N THR C 38 28.46 12.28 -35.43
CA THR C 38 29.19 11.06 -35.69
C THR C 38 29.60 10.34 -34.39
N ARG C 39 30.45 10.98 -33.58
CA ARG C 39 31.00 10.33 -32.36
C ARG C 39 30.77 11.19 -31.09
N ASP C 40 31.01 10.64 -29.89
CA ASP C 40 30.69 11.31 -28.61
C ASP C 40 31.73 12.31 -28.10
N TRP C 41 31.30 13.39 -27.46
CA TRP C 41 32.19 14.52 -27.17
C TRP C 41 33.40 14.13 -26.29
N SER C 42 33.41 12.88 -25.87
CA SER C 42 34.56 12.33 -25.20
C SER C 42 35.66 11.99 -26.22
N ALA C 43 35.24 11.67 -27.45
CA ALA C 43 36.12 11.28 -28.59
C ALA C 43 36.45 12.39 -29.60
N ILE C 44 35.93 13.58 -29.33
CA ILE C 44 36.32 14.79 -30.03
C ILE C 44 37.62 15.27 -29.41
N THR C 45 38.42 16.02 -30.17
CA THR C 45 39.59 16.72 -29.64
C THR C 45 39.52 18.13 -30.14
N LEU C 46 40.28 19.03 -29.52
CA LEU C 46 40.57 20.30 -30.20
C LEU C 46 41.16 19.92 -31.54
N SER C 47 42.22 19.13 -31.47
CA SER C 47 42.94 18.71 -32.66
C SER C 47 42.03 18.14 -33.74
N ASP C 48 41.14 17.21 -33.38
CA ASP C 48 40.20 16.62 -34.33
C ASP C 48 39.24 17.66 -34.89
N VAL C 49 38.83 18.61 -34.06
CA VAL C 49 37.88 19.65 -34.48
C VAL C 49 38.61 20.71 -35.27
N ALA C 50 39.91 20.84 -34.99
CA ALA C 50 40.80 21.68 -35.79
C ALA C 50 40.85 21.21 -37.24
N ARG C 51 41.40 20.01 -37.42
CA ARG C 51 41.58 19.47 -38.75
C ARG C 51 40.30 19.03 -39.46
N ALA C 52 39.14 19.11 -38.85
CA ALA C 52 37.92 18.93 -39.65
C ALA C 52 37.16 20.21 -40.01
N ALA C 53 37.61 21.34 -39.49
CA ALA C 53 37.19 22.65 -40.00
C ALA C 53 38.30 23.22 -40.85
N GLY C 54 39.39 22.47 -40.95
CA GLY C 54 40.51 22.92 -41.76
C GLY C 54 40.90 24.34 -41.37
N ILE C 55 41.20 24.50 -40.08
CA ILE C 55 41.71 25.73 -39.54
C ILE C 55 42.90 25.27 -38.74
N SER C 56 43.75 26.18 -38.33
CA SER C 56 44.88 25.79 -37.49
C SER C 56 44.30 25.46 -36.13
N ARG C 57 45.05 24.73 -35.32
CA ARG C 57 44.57 24.42 -33.95
C ARG C 57 44.76 25.59 -33.03
N GLN C 58 45.93 26.22 -33.15
CA GLN C 58 46.33 27.29 -32.28
C GLN C 58 45.56 28.53 -32.63
N THR C 59 44.82 28.46 -33.72
CA THR C 59 43.88 29.51 -34.04
C THR C 59 42.60 29.35 -33.26
N ILE C 60 42.27 28.09 -33.00
CA ILE C 60 41.05 27.70 -32.30
C ILE C 60 41.25 27.87 -30.82
N TYR C 61 42.38 27.34 -30.34
CA TYR C 61 42.82 27.42 -28.95
C TYR C 61 43.07 28.89 -28.59
N ASN C 62 43.28 29.72 -29.61
CA ASN C 62 43.49 31.13 -29.38
C ASN C 62 42.23 31.93 -29.20
N GLU C 63 41.20 31.61 -29.97
CA GLU C 63 39.91 32.25 -29.77
C GLU C 63 39.09 31.54 -28.69
N PHE C 64 39.10 30.22 -28.69
CA PHE C 64 38.24 29.46 -27.78
C PHE C 64 38.88 29.06 -26.46
N GLY C 65 40.16 29.39 -26.27
CA GLY C 65 40.85 29.06 -25.03
C GLY C 65 41.04 27.57 -24.80
N SER C 66 40.44 27.07 -23.75
CA SER C 66 40.48 25.62 -23.48
C SER C 66 39.56 24.76 -24.37
N ARG C 67 39.84 23.46 -24.37
CA ARG C 67 38.91 22.45 -24.83
C ARG C 67 37.51 22.71 -24.30
N GLN C 68 37.38 22.93 -22.99
CA GLN C 68 36.08 23.20 -22.36
C GLN C 68 35.41 24.53 -22.79
N GLY C 69 36.23 25.52 -23.15
CA GLY C 69 35.72 26.82 -23.54
C GLY C 69 35.10 26.77 -24.92
N LEU C 70 35.66 25.92 -25.77
CA LEU C 70 35.07 25.65 -27.07
C LEU C 70 33.72 25.00 -26.82
N ALA C 71 33.74 24.04 -25.89
CA ALA C 71 32.55 23.32 -25.44
C ALA C 71 31.56 24.33 -24.90
N GLN C 72 32.06 25.26 -24.11
CA GLN C 72 31.20 26.29 -23.53
C GLN C 72 30.62 27.21 -24.56
N GLY C 73 31.52 27.76 -25.38
CA GLY C 73 31.17 28.68 -26.46
C GLY C 73 30.09 28.07 -27.31
N TYR C 74 30.16 26.74 -27.46
CA TYR C 74 29.16 25.97 -28.16
C TYR C 74 27.75 26.14 -27.56
N ALA C 75 27.61 25.73 -26.31
CA ALA C 75 26.33 25.84 -25.57
C ALA C 75 25.78 27.25 -25.66
N LEU C 76 26.65 28.23 -25.41
CA LEU C 76 26.28 29.64 -25.44
C LEU C 76 25.44 29.94 -26.67
N ARG C 77 25.95 29.54 -27.84
CA ARG C 77 25.23 29.62 -29.11
C ARG C 77 23.97 28.76 -29.16
N LEU C 78 24.06 27.53 -28.65
CA LEU C 78 22.90 26.65 -28.64
C LEU C 78 21.71 27.33 -27.98
N ALA C 79 22.00 28.06 -26.90
CA ALA C 79 21.00 28.75 -26.07
C ALA C 79 20.52 30.02 -26.75
N ASP C 80 21.49 30.71 -27.37
CA ASP C 80 21.31 31.91 -28.18
C ASP C 80 20.18 31.71 -29.20
N ARG C 81 20.30 30.66 -30.01
CA ARG C 81 19.32 30.38 -31.05
C ARG C 81 17.99 29.89 -30.45
N LEU C 82 18.02 29.52 -29.18
CA LEU C 82 16.82 29.03 -28.52
C LEU C 82 15.87 30.13 -27.98
N VAL C 83 16.43 31.24 -27.50
CA VAL C 83 15.60 32.37 -27.09
C VAL C 83 15.04 33.01 -28.37
N ASP C 84 15.75 32.80 -29.47
CA ASP C 84 15.34 33.37 -30.73
C ASP C 84 14.29 32.55 -31.46
N ASN C 85 14.09 31.30 -31.06
CA ASN C 85 12.94 30.57 -31.58
C ASN C 85 11.70 31.12 -30.90
N VAL C 86 11.91 31.85 -29.81
CA VAL C 86 10.79 32.41 -29.06
C VAL C 86 10.03 33.44 -29.90
N HIS C 87 10.75 34.44 -30.42
CA HIS C 87 10.12 35.52 -31.16
C HIS C 87 9.12 34.99 -32.17
N ALA C 88 9.50 33.89 -32.82
CA ALA C 88 8.70 33.26 -33.87
C ALA C 88 7.33 32.76 -33.38
N SER C 89 7.31 32.10 -32.25
CA SER C 89 6.08 31.50 -31.75
C SER C 89 5.36 32.43 -30.80
N LEU C 90 6.07 33.49 -30.42
CA LEU C 90 5.54 34.48 -29.47
C LEU C 90 4.64 35.50 -30.15
N ASP C 91 5.05 36.00 -31.32
CA ASP C 91 4.25 36.96 -32.06
C ASP C 91 3.27 36.23 -32.97
N ALA C 92 3.43 34.91 -33.06
CA ALA C 92 2.60 34.07 -33.93
C ALA C 92 1.22 33.74 -33.34
N ASN C 93 1.13 33.80 -32.02
CA ASN C 93 -0.17 33.91 -31.36
C ASN C 93 -0.08 35.14 -30.49
N VAL C 94 -0.78 36.20 -30.86
CA VAL C 94 -0.65 37.45 -30.13
C VAL C 94 -1.86 37.71 -29.27
N GLY C 95 -1.65 37.76 -27.95
CA GLY C 95 -2.74 38.00 -27.03
C GLY C 95 -3.18 36.80 -26.20
N ASN C 96 -2.83 35.59 -26.62
CA ASN C 96 -2.94 34.47 -25.70
C ASN C 96 -1.55 34.25 -25.15
N PHE C 97 -1.35 34.66 -23.90
CA PHE C 97 -0.07 34.48 -23.24
C PHE C 97 0.26 33.00 -23.16
N TYR C 98 -0.75 32.20 -22.81
CA TYR C 98 -0.59 30.75 -22.70
C TYR C 98 -0.28 30.11 -24.05
N GLU C 99 -1.16 30.36 -25.02
CA GLU C 99 -1.01 29.75 -26.33
C GLU C 99 0.39 29.99 -26.87
N ALA C 100 0.92 31.17 -26.54
CA ALA C 100 2.25 31.61 -26.96
C ALA C 100 3.41 30.91 -26.25
N PHE C 101 3.40 30.95 -24.93
CA PHE C 101 4.41 30.25 -24.15
C PHE C 101 4.31 28.76 -24.44
N LEU C 102 3.08 28.26 -24.53
CA LEU C 102 2.86 26.85 -24.83
C LEU C 102 3.52 26.43 -26.17
N GLN C 103 3.54 27.32 -27.15
CA GLN C 103 4.28 27.05 -28.38
C GLN C 103 5.79 27.14 -28.17
N GLY C 104 6.25 28.27 -27.67
CA GLY C 104 7.67 28.54 -27.54
C GLY C 104 8.39 27.53 -26.67
N PHE C 105 7.70 27.06 -25.64
CA PHE C 105 8.24 26.02 -24.78
C PHE C 105 8.29 24.72 -25.53
N ARG C 106 7.14 24.30 -26.09
CA ARG C 106 7.10 23.04 -26.82
C ARG C 106 8.20 23.04 -27.86
N SER C 107 8.42 24.20 -28.47
CA SER C 107 9.51 24.38 -29.42
C SER C 107 10.85 24.11 -28.75
N PHE C 108 11.10 24.76 -27.62
CA PHE C 108 12.35 24.60 -26.87
C PHE C 108 12.72 23.14 -26.54
N PHE C 109 11.73 22.29 -26.33
CA PHE C 109 11.99 20.86 -26.09
C PHE C 109 12.21 20.14 -27.42
N ALA C 110 11.63 20.68 -28.49
CA ALA C 110 11.91 20.17 -29.82
C ALA C 110 13.39 20.30 -30.12
N GLU C 111 13.87 21.54 -30.10
CA GLU C 111 15.19 21.86 -30.58
C GLU C 111 16.28 21.34 -29.64
N SER C 112 16.34 21.86 -28.42
CA SER C 112 17.38 21.50 -27.43
C SER C 112 17.65 19.99 -27.24
N ALA C 113 16.59 19.19 -27.41
CA ALA C 113 16.65 17.72 -27.30
C ALA C 113 17.18 17.07 -28.56
N ALA C 114 16.98 17.73 -29.70
CA ALA C 114 17.49 17.24 -30.98
C ALA C 114 18.99 17.49 -31.20
N ASP C 115 19.47 18.64 -30.73
CA ASP C 115 20.88 19.03 -30.85
C ASP C 115 21.91 18.02 -30.25
N PRO C 116 23.07 17.81 -30.92
CA PRO C 116 24.13 16.87 -30.51
C PRO C 116 24.81 17.06 -29.15
N LEU C 117 25.12 18.28 -28.66
CA LEU C 117 25.89 18.33 -27.41
C LEU C 117 25.01 17.86 -26.27
N VAL C 118 23.75 18.31 -26.28
CA VAL C 118 22.73 17.84 -25.37
C VAL C 118 22.63 16.30 -25.37
N ILE C 119 22.64 15.68 -26.54
CA ILE C 119 22.49 14.22 -26.67
C ILE C 119 23.75 13.46 -26.23
N SER C 120 24.90 14.11 -26.34
CA SER C 120 26.14 13.51 -25.88
C SER C 120 26.14 13.53 -24.35
N LEU C 121 25.55 14.60 -23.82
CA LEU C 121 25.27 14.74 -22.41
C LEU C 121 24.36 13.61 -21.95
N LEU C 122 23.09 13.72 -22.34
CA LEU C 122 22.05 12.77 -21.96
C LEU C 122 22.39 11.29 -22.24
N THR C 123 22.96 10.99 -23.40
CA THR C 123 23.29 9.58 -23.70
C THR C 123 24.73 9.05 -23.61
N GLY C 124 25.72 9.90 -23.40
CA GLY C 124 27.08 9.43 -23.61
C GLY C 124 27.66 8.76 -22.38
N VAL C 125 28.97 8.47 -22.40
CA VAL C 125 29.67 8.25 -21.13
C VAL C 125 29.43 9.54 -20.38
N ALA C 126 29.22 9.47 -19.06
CA ALA C 126 28.98 10.72 -18.36
C ALA C 126 30.33 11.44 -18.21
N LYS C 127 30.37 12.72 -18.61
CA LYS C 127 31.59 13.53 -18.50
C LYS C 127 31.36 14.72 -17.57
N PRO C 128 32.01 14.71 -16.39
CA PRO C 128 31.72 15.68 -15.33
C PRO C 128 31.92 17.13 -15.78
N ASP C 129 32.62 17.32 -16.88
CA ASP C 129 33.01 18.64 -17.35
C ASP C 129 31.85 19.36 -18.03
N LEU C 130 30.96 18.57 -18.62
CA LEU C 130 29.76 19.13 -19.23
C LEU C 130 28.75 19.50 -18.15
N LEU C 131 28.60 18.62 -17.17
CA LEU C 131 27.74 18.88 -16.04
C LEU C 131 28.12 20.22 -15.38
N GLN C 132 29.41 20.39 -15.11
CA GLN C 132 29.92 21.60 -14.49
C GLN C 132 29.52 22.84 -15.24
N LEU C 133 29.20 22.66 -16.51
CA LEU C 133 28.87 23.78 -17.35
C LEU C 133 27.42 24.19 -17.22
N ILE C 134 26.57 23.20 -17.14
CA ILE C 134 25.15 23.45 -16.94
C ILE C 134 24.75 23.53 -15.44
N THR C 135 25.71 23.33 -14.52
CA THR C 135 25.44 23.55 -13.08
C THR C 135 26.41 24.46 -12.30
N THR C 136 27.58 23.94 -11.90
CA THR C 136 28.55 24.66 -11.05
C THR C 136 28.88 26.05 -11.56
N ASP C 137 29.65 26.14 -12.64
CA ASP C 137 29.84 27.45 -13.24
C ASP C 137 29.03 27.38 -14.51
N SER C 138 27.77 27.69 -14.33
CA SER C 138 26.78 27.68 -15.36
C SER C 138 26.56 29.13 -15.65
N ALA C 139 27.26 29.95 -14.86
CA ALA C 139 27.03 31.40 -14.78
C ALA C 139 26.82 32.08 -16.17
N PRO C 140 27.79 31.85 -17.10
CA PRO C 140 27.76 32.47 -18.42
C PRO C 140 26.52 32.15 -19.25
N ILE C 141 26.16 30.88 -19.39
CA ILE C 141 25.02 30.48 -20.23
C ILE C 141 23.76 31.15 -19.72
N ILE C 142 23.77 31.57 -18.45
CA ILE C 142 22.57 32.18 -17.87
C ILE C 142 22.48 33.71 -18.05
N THR C 143 23.36 34.47 -17.39
CA THR C 143 23.22 35.93 -17.38
C THR C 143 22.97 36.41 -18.78
N ARG C 144 23.71 35.76 -19.70
CA ARG C 144 23.71 35.99 -21.15
C ARG C 144 22.37 35.73 -21.90
N ALA C 145 21.87 34.49 -21.81
CA ALA C 145 20.59 34.08 -22.43
C ALA C 145 19.41 34.77 -21.76
N SER C 146 19.55 34.92 -20.45
CA SER C 146 18.56 35.62 -19.64
C SER C 146 18.42 37.02 -20.16
N ALA C 147 19.53 37.73 -20.15
CA ALA C 147 19.58 39.11 -20.64
C ALA C 147 19.02 39.25 -22.07
N ARG C 148 19.57 38.48 -23.01
CA ARG C 148 19.16 38.62 -24.39
C ARG C 148 17.70 38.19 -24.62
N LEU C 149 17.19 37.29 -23.79
CA LEU C 149 15.80 36.85 -23.97
C LEU C 149 14.81 37.90 -23.49
N ALA C 150 15.27 38.78 -22.61
CA ALA C 150 14.37 39.70 -21.94
C ALA C 150 13.50 40.56 -22.89
N PRO C 151 14.15 41.33 -23.78
CA PRO C 151 13.40 42.15 -24.73
C PRO C 151 12.35 41.40 -25.55
N ALA C 152 12.52 40.09 -25.72
CA ALA C 152 11.52 39.32 -26.45
C ALA C 152 10.11 39.62 -25.94
N PHE C 153 10.00 39.70 -24.60
CA PHE C 153 8.77 39.95 -23.83
C PHE C 153 8.32 41.43 -23.72
N THR C 154 9.31 42.35 -23.65
CA THR C 154 9.09 43.79 -23.47
C THR C 154 8.71 44.61 -24.75
N ASP C 155 9.47 44.44 -25.83
CA ASP C 155 9.23 45.21 -27.05
C ASP C 155 8.33 44.48 -28.02
N THR C 156 8.02 43.24 -27.70
CA THR C 156 6.94 42.56 -28.39
C THR C 156 5.67 43.14 -27.80
N TRP C 157 4.55 42.50 -28.14
CA TRP C 157 3.24 43.02 -27.79
C TRP C 157 2.85 42.78 -26.35
N VAL C 158 3.61 41.95 -25.66
CA VAL C 158 3.48 41.91 -24.22
C VAL C 158 4.01 43.26 -23.70
N ALA C 159 3.17 43.99 -22.99
CA ALA C 159 3.66 45.21 -22.40
C ALA C 159 4.16 44.74 -21.06
N THR C 160 5.48 44.72 -20.92
CA THR C 160 6.10 44.25 -19.70
C THR C 160 7.09 45.30 -19.26
N THR C 161 7.22 45.50 -17.97
CA THR C 161 8.21 46.47 -17.53
C THR C 161 9.60 45.86 -17.84
N ASP C 162 10.66 46.59 -17.52
CA ASP C 162 12.01 46.07 -17.69
C ASP C 162 12.37 45.13 -16.52
N ASN C 163 12.10 45.62 -15.31
CA ASN C 163 12.26 44.85 -14.08
C ASN C 163 11.37 43.62 -13.98
N ASP C 164 10.27 43.62 -14.74
CA ASP C 164 9.40 42.45 -14.83
C ASP C 164 9.86 41.43 -15.87
N ALA C 165 10.28 41.89 -17.04
CA ALA C 165 10.77 40.96 -18.05
C ALA C 165 12.10 40.31 -17.62
N ASN C 166 12.83 40.95 -16.71
CA ASN C 166 14.03 40.34 -16.16
C ASN C 166 13.72 39.24 -15.14
N VAL C 167 12.75 39.55 -14.27
CA VAL C 167 12.31 38.66 -13.22
C VAL C 167 11.60 37.47 -13.82
N LEU C 168 11.01 37.69 -14.99
CA LEU C 168 10.36 36.62 -15.73
C LEU C 168 11.40 35.84 -16.51
N SER C 169 12.49 36.52 -16.89
CA SER C 169 13.50 35.86 -17.72
C SER C 169 14.45 34.96 -16.93
N ARG C 170 15.20 35.53 -16.00
CA ARG C 170 16.17 34.78 -15.21
C ARG C 170 15.48 33.53 -14.61
N ALA C 171 14.15 33.57 -14.56
CA ALA C 171 13.34 32.43 -14.20
C ALA C 171 13.25 31.43 -15.35
N ILE C 172 12.67 31.88 -16.48
CA ILE C 172 12.46 30.98 -17.64
C ILE C 172 13.73 30.30 -18.11
N VAL C 173 14.81 31.06 -18.23
CA VAL C 173 16.09 30.46 -18.56
C VAL C 173 16.48 29.41 -17.49
N ARG C 174 16.33 29.75 -16.20
CA ARG C 174 16.82 28.91 -15.09
C ARG C 174 16.19 27.50 -15.00
N LEU C 175 14.89 27.42 -15.30
CA LEU C 175 14.17 26.15 -15.40
C LEU C 175 14.69 25.36 -16.57
N CYS C 176 14.85 26.03 -17.70
CA CYS C 176 15.20 25.35 -18.92
C CYS C 176 16.59 24.74 -18.88
N LEU C 177 17.60 25.54 -18.54
CA LEU C 177 18.93 24.94 -18.33
C LEU C 177 18.79 23.81 -17.29
N SER C 178 17.72 23.81 -16.50
CA SER C 178 17.52 22.69 -15.59
C SER C 178 17.13 21.37 -16.27
N TYR C 179 16.37 21.42 -17.38
CA TYR C 179 15.95 20.18 -18.01
C TYR C 179 17.01 19.57 -18.89
N VAL C 180 18.08 20.30 -19.13
CA VAL C 180 19.18 19.66 -19.78
C VAL C 180 19.92 18.85 -18.74
N SER C 181 20.24 19.50 -17.63
CA SER C 181 21.04 18.90 -16.54
C SER C 181 20.35 17.75 -15.73
N MET C 182 19.21 18.05 -15.12
CA MET C 182 18.36 17.04 -14.54
C MET C 182 17.18 16.87 -15.48
N PRO C 183 17.21 15.82 -16.30
CA PRO C 183 16.18 15.64 -17.35
C PRO C 183 14.81 15.30 -16.72
N PRO C 184 13.69 15.44 -17.49
CA PRO C 184 12.35 15.10 -16.99
C PRO C 184 12.28 13.68 -16.42
N GLU C 185 11.55 13.46 -15.31
CA GLU C 185 11.45 12.12 -14.69
C GLU C 185 10.30 11.21 -15.21
N ALA C 186 9.05 11.54 -14.87
CA ALA C 186 7.96 10.72 -15.40
C ALA C 186 6.86 11.51 -16.08
N ASP C 187 6.81 11.42 -17.41
CA ASP C 187 5.60 11.70 -18.18
C ASP C 187 4.77 12.92 -17.79
N HIS C 188 5.41 14.06 -17.65
CA HIS C 188 4.69 15.31 -17.50
C HIS C 188 4.83 16.13 -18.78
N ASP C 189 3.77 16.83 -19.15
CA ASP C 189 3.77 17.55 -20.41
C ASP C 189 4.37 18.85 -19.95
N VAL C 190 5.68 18.95 -20.13
CA VAL C 190 6.43 19.93 -19.38
C VAL C 190 6.21 21.29 -20.01
N ALA C 191 5.79 21.27 -21.28
CA ALA C 191 5.60 22.47 -22.05
C ALA C 191 4.28 23.13 -21.68
N ALA C 192 3.28 22.30 -21.36
CA ALA C 192 1.94 22.79 -21.02
C ALA C 192 1.90 23.27 -19.57
N ASP C 193 2.77 22.70 -18.73
CA ASP C 193 2.85 23.12 -17.35
C ASP C 193 3.60 24.42 -17.23
N LEU C 194 4.75 24.50 -17.90
CA LEU C 194 5.53 25.73 -17.90
C LEU C 194 4.71 26.95 -18.30
N ALA C 195 3.85 26.76 -19.30
CA ALA C 195 2.87 27.77 -19.65
C ALA C 195 2.03 28.13 -18.43
N ARG C 196 1.39 27.11 -17.84
CA ARG C 196 0.45 27.25 -16.69
C ARG C 196 1.03 28.09 -15.53
N LEU C 197 2.34 28.01 -15.34
CA LEU C 197 3.02 28.67 -14.24
C LEU C 197 3.22 30.21 -14.38
N ILE C 198 3.78 30.65 -15.51
CA ILE C 198 4.05 32.08 -15.73
C ILE C 198 2.99 32.89 -16.48
N THR C 199 2.02 32.22 -17.10
CA THR C 199 0.92 32.94 -17.75
C THR C 199 0.34 34.02 -16.82
N PRO C 200 -0.02 33.65 -15.56
CA PRO C 200 -0.71 34.53 -14.63
C PRO C 200 0.13 35.73 -14.27
N PHE C 201 1.44 35.53 -14.12
CA PHE C 201 2.34 36.62 -13.76
C PHE C 201 2.36 37.75 -14.79
N ALA C 202 2.16 37.37 -16.04
CA ALA C 202 2.07 38.31 -17.16
C ALA C 202 0.75 39.09 -17.19
N GLU C 203 -0.37 38.36 -17.18
CA GLU C 203 -1.70 38.96 -17.32
C GLU C 203 -2.00 39.99 -16.21
N ARG C 204 -1.10 40.01 -15.22
CA ARG C 204 -1.07 41.03 -14.18
C ARG C 204 -0.46 42.34 -14.72
N HIS C 205 0.65 42.18 -15.44
CA HIS C 205 1.47 43.31 -15.85
C HIS C 205 1.36 43.58 -17.36
N ILE D 14 5.26 3.10 18.09
CA ILE D 14 6.36 3.10 17.10
C ILE D 14 7.48 2.10 17.39
N PRO D 15 7.58 1.02 16.59
CA PRO D 15 8.46 -0.12 16.85
C PRO D 15 9.93 0.25 16.94
N TYR D 16 10.65 -0.46 17.81
CA TYR D 16 12.07 -0.23 18.03
C TYR D 16 12.84 -0.36 16.74
N ALA D 17 12.65 -1.48 16.05
CA ALA D 17 13.38 -1.73 14.80
C ALA D 17 13.34 -0.54 13.80
N GLU D 18 12.20 0.13 13.73
CA GLU D 18 11.96 1.21 12.81
C GLU D 18 12.57 2.53 13.25
N ALA D 19 12.36 2.92 14.50
CA ALA D 19 12.89 4.21 14.97
C ALA D 19 14.24 4.05 15.63
N SER D 20 14.75 2.84 15.57
CA SER D 20 16.11 2.58 15.93
C SER D 20 17.01 2.91 14.76
N ARG D 21 16.57 2.46 13.58
CA ARG D 21 17.36 2.68 12.36
C ARG D 21 17.21 4.13 12.01
N ALA D 22 16.00 4.67 12.18
CA ALA D 22 15.80 6.07 11.90
C ALA D 22 16.73 6.89 12.77
N LEU D 23 17.14 6.33 13.90
CA LEU D 23 18.17 6.97 14.71
C LEU D 23 19.51 6.98 13.99
N LEU D 24 20.04 5.79 13.73
CA LEU D 24 21.36 5.62 13.10
C LEU D 24 21.53 6.46 11.84
N ARG D 25 20.55 6.36 10.94
CA ARG D 25 20.52 7.18 9.75
C ARG D 25 20.73 8.61 10.14
N ASP D 26 19.94 9.13 11.08
CA ASP D 26 20.10 10.53 11.46
C ASP D 26 21.38 10.86 12.22
N SER D 27 22.03 9.87 12.78
CA SER D 27 23.28 10.12 13.47
C SER D 27 24.47 10.10 12.53
N VAL D 28 24.42 9.24 11.52
CA VAL D 28 25.47 9.18 10.51
C VAL D 28 25.49 10.42 9.59
N LEU D 29 24.31 10.99 9.34
CA LEU D 29 24.21 12.18 8.51
C LEU D 29 24.66 13.39 9.28
N ASP D 30 24.29 13.49 10.56
CA ASP D 30 24.79 14.58 11.44
C ASP D 30 26.22 14.29 11.78
N ALA D 31 26.61 13.04 11.60
CA ALA D 31 27.98 12.59 11.80
C ALA D 31 28.83 13.23 10.76
N MET D 32 28.36 13.16 9.51
CA MET D 32 29.06 13.74 8.37
C MET D 32 28.84 15.25 8.21
N ARG D 33 27.69 15.79 8.62
CA ARG D 33 27.51 17.25 8.60
C ARG D 33 28.59 17.90 9.47
N ASP D 34 29.28 17.11 10.27
CA ASP D 34 30.37 17.65 11.08
C ASP D 34 31.73 17.81 10.45
N LEU D 35 32.22 16.80 9.72
CA LEU D 35 33.54 16.93 9.08
C LEU D 35 33.43 17.82 7.82
N LEU D 36 32.26 17.84 7.20
CA LEU D 36 32.07 18.75 6.09
C LEU D 36 32.14 20.20 6.56
N LEU D 37 32.10 20.38 7.88
CA LEU D 37 32.32 21.71 8.45
C LEU D 37 33.79 22.01 8.59
N THR D 38 34.61 20.98 8.75
CA THR D 38 36.06 21.14 8.62
C THR D 38 36.80 20.67 7.35
N ARG D 39 36.14 20.03 6.40
CA ARG D 39 36.88 19.39 5.28
C ARG D 39 36.03 19.24 4.02
N ASP D 40 36.65 19.24 2.85
CA ASP D 40 35.84 19.05 1.63
C ASP D 40 35.50 17.57 1.41
N TRP D 41 34.32 17.35 0.84
CA TRP D 41 33.69 16.05 0.77
C TRP D 41 34.64 14.97 0.23
N SER D 42 35.64 15.39 -0.54
CA SER D 42 36.60 14.46 -1.13
C SER D 42 37.64 14.04 -0.12
N ALA D 43 37.64 14.72 1.01
CA ALA D 43 38.57 14.39 2.05
C ALA D 43 38.07 13.17 2.83
N ILE D 44 36.74 12.98 2.86
CA ILE D 44 36.01 12.00 3.70
C ILE D 44 35.85 10.58 3.10
N THR D 45 36.33 9.55 3.79
CA THR D 45 36.06 8.19 3.37
C THR D 45 34.79 7.68 4.03
N LEU D 46 34.40 6.45 3.71
CA LEU D 46 33.37 5.81 4.50
C LEU D 46 33.90 5.68 5.91
N SER D 47 35.01 4.96 6.02
CA SER D 47 35.72 4.76 7.27
C SER D 47 35.94 6.09 8.02
N ASP D 48 36.33 7.13 7.29
CA ASP D 48 36.34 8.48 7.87
C ASP D 48 35.03 8.87 8.59
N VAL D 49 33.87 8.58 7.98
CA VAL D 49 32.57 8.84 8.63
C VAL D 49 32.14 7.73 9.62
N ALA D 50 32.47 6.48 9.31
CA ALA D 50 32.09 5.37 10.17
C ALA D 50 32.82 5.46 11.52
N ARG D 51 33.98 6.12 11.54
CA ARG D 51 34.72 6.34 12.79
C ARG D 51 34.13 7.49 13.58
N ALA D 52 33.71 8.53 12.88
CA ALA D 52 33.07 9.66 13.50
C ALA D 52 31.82 9.23 14.20
N ALA D 53 31.22 8.12 13.76
CA ALA D 53 29.95 7.65 14.34
C ALA D 53 29.99 6.64 15.51
N GLY D 54 31.10 5.93 15.69
CA GLY D 54 31.18 4.79 16.58
C GLY D 54 30.71 3.50 15.89
N ILE D 55 30.71 3.51 14.57
CA ILE D 55 29.97 2.52 13.81
C ILE D 55 30.87 1.50 13.09
N SER D 56 30.31 0.31 12.87
CA SER D 56 30.96 -0.62 11.97
C SER D 56 30.95 0.07 10.61
N ARG D 57 31.92 -0.24 9.76
CA ARG D 57 31.95 0.37 8.44
C ARG D 57 30.76 -0.20 7.72
N GLN D 58 30.56 -1.51 7.93
CA GLN D 58 29.45 -2.25 7.33
C GLN D 58 28.06 -1.72 7.70
N THR D 59 27.93 -1.03 8.83
CA THR D 59 26.61 -0.50 9.13
C THR D 59 26.23 0.58 8.12
N ILE D 60 27.17 1.41 7.70
CA ILE D 60 26.82 2.40 6.69
C ILE D 60 26.50 1.67 5.38
N TYR D 61 27.18 0.55 5.15
CA TYR D 61 26.86 -0.26 3.98
C TYR D 61 25.38 -0.75 3.94
N ASN D 62 24.79 -1.03 5.09
CA ASN D 62 23.40 -1.51 5.14
C ASN D 62 22.33 -0.42 5.12
N GLU D 63 22.62 0.70 5.75
CA GLU D 63 21.64 1.77 5.80
C GLU D 63 21.69 2.64 4.56
N PHE D 64 22.92 3.05 4.25
CA PHE D 64 23.10 3.97 3.17
C PHE D 64 23.54 3.30 1.89
N GLY D 65 23.82 2.00 1.88
CA GLY D 65 24.35 1.42 0.64
C GLY D 65 25.81 1.78 0.34
N SER D 66 26.07 2.57 -0.70
CA SER D 66 27.44 3.06 -0.97
C SER D 66 27.65 4.58 -0.75
N ARG D 67 28.93 4.96 -0.57
CA ARG D 67 29.34 6.32 -0.24
C ARG D 67 28.69 7.38 -1.11
N GLN D 68 28.46 7.04 -2.36
CA GLN D 68 27.70 7.92 -3.24
C GLN D 68 26.27 8.04 -2.71
N GLY D 69 25.78 6.97 -2.08
CA GLY D 69 24.46 6.97 -1.44
C GLY D 69 24.38 7.65 -0.06
N LEU D 70 25.50 7.61 0.68
CA LEU D 70 25.63 8.38 1.92
C LEU D 70 25.43 9.85 1.58
N ALA D 71 25.96 10.25 0.44
CA ALA D 71 25.79 11.61 -0.04
C ALA D 71 24.37 11.89 -0.49
N GLN D 72 23.70 10.86 -1.00
CA GLN D 72 22.41 11.08 -1.63
C GLN D 72 21.37 11.20 -0.55
N GLY D 73 21.61 10.49 0.54
CA GLY D 73 20.73 10.49 1.70
C GLY D 73 21.00 11.72 2.56
N TYR D 74 22.21 12.22 2.45
CA TYR D 74 22.51 13.49 3.01
C TYR D 74 21.70 14.58 2.28
N ALA D 75 21.85 14.70 0.96
CA ALA D 75 21.13 15.75 0.22
C ALA D 75 19.66 15.53 0.44
N LEU D 76 19.31 14.24 0.56
CA LEU D 76 17.92 13.85 0.73
C LEU D 76 17.37 14.32 2.06
N ARG D 77 18.10 14.15 3.17
CA ARG D 77 17.63 14.77 4.41
C ARG D 77 17.53 16.28 4.25
N LEU D 78 18.59 16.89 3.71
CA LEU D 78 18.65 18.35 3.47
C LEU D 78 17.51 18.80 2.57
N ALA D 79 17.23 17.95 1.59
CA ALA D 79 16.04 18.07 0.77
C ALA D 79 14.86 18.35 1.67
N ASP D 80 14.52 17.35 2.47
CA ASP D 80 13.39 17.37 3.37
C ASP D 80 13.41 18.58 4.28
N ARG D 81 14.57 18.86 4.88
CA ARG D 81 14.67 19.94 5.87
C ARG D 81 14.31 21.31 5.33
N LEU D 82 14.72 21.56 4.09
CA LEU D 82 14.49 22.85 3.48
C LEU D 82 13.06 22.99 2.95
N VAL D 83 12.46 21.88 2.53
CA VAL D 83 11.05 21.88 2.09
C VAL D 83 10.12 22.01 3.31
N ASP D 84 10.61 21.58 4.45
CA ASP D 84 9.81 21.64 5.65
C ASP D 84 9.78 23.06 6.24
N ASN D 85 10.91 23.76 6.16
CA ASN D 85 11.04 25.11 6.72
C ASN D 85 10.07 26.11 6.09
N VAL D 86 9.32 25.66 5.09
CA VAL D 86 8.33 26.52 4.44
C VAL D 86 7.26 26.98 5.42
N HIS D 87 6.77 26.05 6.27
CA HIS D 87 5.64 26.33 7.17
C HIS D 87 5.91 27.45 8.18
N ALA D 88 7.15 27.53 8.64
CA ALA D 88 7.58 28.58 9.56
C ALA D 88 7.32 29.97 8.97
N SER D 89 7.64 30.11 7.70
CA SER D 89 7.41 31.34 6.97
C SER D 89 6.06 31.34 6.22
N LEU D 90 5.43 30.18 6.14
CA LEU D 90 4.09 30.05 5.59
C LEU D 90 2.94 30.25 6.60
N ASP D 91 3.06 29.65 7.77
CA ASP D 91 1.97 29.71 8.77
C ASP D 91 2.01 31.00 9.61
N ALA D 92 3.17 31.65 9.65
CA ALA D 92 3.31 32.91 10.37
C ALA D 92 2.72 34.06 9.56
N ASN D 93 2.77 33.93 8.23
CA ASN D 93 2.44 34.99 7.28
C ASN D 93 1.01 35.01 6.73
N VAL D 94 0.12 34.25 7.37
CA VAL D 94 -1.19 33.89 6.82
C VAL D 94 -1.94 35.02 6.13
N GLY D 95 -2.55 34.72 4.99
CA GLY D 95 -3.48 35.63 4.33
C GLY D 95 -2.86 36.63 3.35
N ASN D 96 -1.59 36.97 3.56
CA ASN D 96 -0.86 37.85 2.62
C ASN D 96 0.06 37.02 1.71
N PHE D 97 -0.37 36.87 0.46
CA PHE D 97 0.26 35.93 -0.46
C PHE D 97 1.74 36.17 -0.71
N TYR D 98 2.04 37.29 -1.37
CA TYR D 98 3.41 37.60 -1.76
C TYR D 98 4.34 37.41 -0.57
N GLU D 99 4.05 38.08 0.56
CA GLU D 99 5.02 38.14 1.64
C GLU D 99 5.30 36.75 2.19
N ALA D 100 4.32 35.87 2.02
CA ALA D 100 4.39 34.48 2.46
C ALA D 100 5.60 33.76 1.86
N PHE D 101 5.72 33.87 0.54
CA PHE D 101 6.84 33.25 -0.17
C PHE D 101 8.16 33.98 0.09
N LEU D 102 8.12 35.31 0.02
CA LEU D 102 9.30 36.14 0.22
C LEU D 102 10.00 35.74 1.51
N GLN D 103 9.21 35.42 2.54
CA GLN D 103 9.81 35.01 3.81
C GLN D 103 10.27 33.54 3.79
N GLY D 104 9.53 32.71 3.03
CA GLY D 104 9.93 31.34 2.76
C GLY D 104 11.17 31.25 1.88
N PHE D 105 11.10 31.85 0.68
CA PHE D 105 12.24 31.87 -0.21
C PHE D 105 13.48 32.45 0.50
N ARG D 106 13.30 33.58 1.19
CA ARG D 106 14.41 34.18 1.93
C ARG D 106 15.10 33.14 2.83
N SER D 107 14.30 32.43 3.65
CA SER D 107 14.84 31.38 4.52
C SER D 107 15.65 30.38 3.70
N PHE D 108 15.00 29.87 2.64
CA PHE D 108 15.62 28.86 1.79
C PHE D 108 16.99 29.24 1.23
N PHE D 109 17.20 30.51 0.92
CA PHE D 109 18.49 30.92 0.35
C PHE D 109 19.56 31.00 1.41
N ALA D 110 19.18 31.59 2.52
CA ALA D 110 20.12 31.82 3.59
C ALA D 110 20.60 30.45 4.06
N GLU D 111 19.58 29.64 4.40
CA GLU D 111 19.75 28.36 5.08
C GLU D 111 20.47 27.37 4.19
N SER D 112 20.03 27.30 2.94
CA SER D 112 20.55 26.36 1.95
C SER D 112 22.01 26.66 1.60
N ALA D 113 22.31 27.92 1.34
CA ALA D 113 23.67 28.33 1.02
C ALA D 113 24.58 28.12 2.22
N ALA D 114 23.96 27.80 3.36
CA ALA D 114 24.65 27.65 4.62
C ALA D 114 25.06 26.21 4.98
N ASP D 115 24.82 25.26 4.10
CA ASP D 115 25.04 23.86 4.43
C ASP D 115 26.37 23.26 3.95
N PRO D 116 27.13 22.62 4.84
CA PRO D 116 28.44 22.04 4.52
C PRO D 116 28.63 21.22 3.23
N LEU D 117 27.65 20.47 2.70
CA LEU D 117 27.81 19.95 1.32
C LEU D 117 27.78 21.08 0.30
N VAL D 118 26.69 21.84 0.30
CA VAL D 118 26.55 22.91 -0.66
C VAL D 118 27.79 23.77 -0.69
N ILE D 119 28.46 23.91 0.45
CA ILE D 119 29.76 24.57 0.48
C ILE D 119 30.81 23.73 -0.22
N SER D 120 30.75 22.42 -0.03
CA SER D 120 31.71 21.50 -0.64
C SER D 120 31.47 21.37 -2.14
N LEU D 121 30.20 21.46 -2.54
CA LEU D 121 29.86 21.66 -3.94
C LEU D 121 30.55 22.93 -4.42
N LEU D 122 30.05 24.06 -3.93
CA LEU D 122 30.42 25.39 -4.43
C LEU D 122 31.91 25.72 -4.40
N THR D 123 32.53 25.66 -3.23
CA THR D 123 33.93 26.04 -3.18
C THR D 123 35.01 25.04 -3.65
N GLY D 124 35.00 23.83 -3.09
CA GLY D 124 36.11 22.92 -3.30
C GLY D 124 36.17 22.32 -4.69
N VAL D 125 37.26 21.58 -4.94
CA VAL D 125 37.61 20.94 -6.23
C VAL D 125 36.39 20.22 -6.77
N ALA D 126 36.12 20.32 -8.06
CA ALA D 126 34.83 19.79 -8.49
C ALA D 126 34.84 18.31 -8.21
N LYS D 127 33.76 17.83 -7.60
CA LYS D 127 33.55 16.40 -7.36
C LYS D 127 32.59 15.89 -8.42
N PRO D 128 33.02 14.89 -9.17
CA PRO D 128 32.23 14.28 -10.24
C PRO D 128 31.03 13.45 -9.72
N ASP D 129 31.18 12.91 -8.52
CA ASP D 129 30.08 12.29 -7.75
C ASP D 129 28.97 13.27 -7.36
N LEU D 130 29.34 14.31 -6.61
CA LEU D 130 28.39 15.34 -6.22
C LEU D 130 27.71 15.97 -7.42
N LEU D 131 28.41 16.00 -8.54
CA LEU D 131 27.83 16.53 -9.76
C LEU D 131 26.76 15.58 -10.28
N GLN D 132 27.12 14.29 -10.31
CA GLN D 132 26.22 13.22 -10.71
C GLN D 132 24.93 13.33 -9.91
N LEU D 133 25.11 13.37 -8.60
CA LEU D 133 24.03 13.46 -7.62
C LEU D 133 23.09 14.66 -7.82
N ILE D 134 23.60 15.79 -8.30
CA ILE D 134 22.73 16.95 -8.56
C ILE D 134 22.13 16.98 -9.99
N THR D 135 22.59 16.09 -10.88
CA THR D 135 22.03 16.10 -12.24
C THR D 135 21.49 14.77 -12.81
N THR D 136 22.38 13.88 -13.28
CA THR D 136 21.91 12.65 -13.94
C THR D 136 21.08 11.82 -12.98
N ASP D 137 21.62 11.65 -11.78
CA ASP D 137 21.00 10.82 -10.75
C ASP D 137 20.17 11.62 -9.74
N SER D 138 19.98 12.90 -10.05
CA SER D 138 19.20 13.81 -9.22
C SER D 138 17.73 13.39 -9.12
N ALA D 139 17.34 12.34 -9.84
CA ALA D 139 15.94 11.93 -10.00
C ALA D 139 15.01 11.90 -8.76
N PRO D 140 15.37 11.18 -7.68
CA PRO D 140 14.75 11.09 -6.35
C PRO D 140 14.66 12.37 -5.50
N ILE D 141 15.78 13.10 -5.31
CA ILE D 141 15.77 14.41 -4.65
C ILE D 141 14.74 15.35 -5.27
N ILE D 142 14.46 15.17 -6.55
CA ILE D 142 13.39 15.92 -7.22
C ILE D 142 12.06 15.26 -6.91
N THR D 143 11.87 14.02 -7.38
CA THR D 143 10.60 13.31 -7.22
C THR D 143 10.18 13.51 -5.77
N ARG D 144 11.15 13.40 -4.88
CA ARG D 144 10.87 13.42 -3.44
C ARG D 144 10.50 14.78 -2.83
N ALA D 145 11.43 15.73 -2.83
CA ALA D 145 11.14 17.08 -2.35
C ALA D 145 9.95 17.76 -3.09
N SER D 146 9.59 17.27 -4.26
CA SER D 146 8.42 17.78 -4.97
C SER D 146 7.19 17.33 -4.24
N ALA D 147 7.14 16.01 -4.00
CA ALA D 147 6.00 15.35 -3.38
C ALA D 147 5.72 15.92 -1.99
N ARG D 148 6.80 16.24 -1.29
CA ARG D 148 6.77 16.66 0.10
C ARG D 148 6.24 18.07 0.23
N LEU D 149 6.67 18.93 -0.67
CA LEU D 149 6.38 20.37 -0.63
C LEU D 149 5.00 20.75 -1.14
N ALA D 150 4.33 19.83 -1.83
CA ALA D 150 3.08 20.15 -2.49
C ALA D 150 1.96 20.49 -1.51
N PRO D 151 1.79 19.65 -0.47
CA PRO D 151 0.90 19.79 0.70
C PRO D 151 0.94 21.17 1.38
N ALA D 152 2.08 21.83 1.41
CA ALA D 152 2.17 23.19 1.93
C ALA D 152 1.37 24.16 1.04
N PHE D 153 0.84 23.65 -0.06
CA PHE D 153 -0.14 24.39 -0.84
C PHE D 153 -1.52 23.73 -0.67
N THR D 154 -1.63 22.48 -1.07
CA THR D 154 -2.89 21.78 -0.96
C THR D 154 -3.49 21.80 0.48
N ASP D 155 -2.67 21.53 1.48
CA ASP D 155 -3.16 21.48 2.86
C ASP D 155 -3.32 22.83 3.61
N THR D 156 -2.31 23.70 3.54
CA THR D 156 -2.30 24.93 4.36
C THR D 156 -3.11 26.08 3.81
N TRP D 157 -2.92 27.25 4.45
CA TRP D 157 -3.84 28.37 4.32
C TRP D 157 -4.04 28.87 2.90
N VAL D 158 -3.11 28.59 1.99
CA VAL D 158 -3.36 28.85 0.58
C VAL D 158 -3.74 27.52 0.02
N ALA D 159 -5.02 27.28 -0.13
CA ALA D 159 -5.42 25.99 -0.62
C ALA D 159 -5.64 26.26 -2.06
N THR D 160 -4.70 25.77 -2.86
CA THR D 160 -4.71 25.91 -4.29
C THR D 160 -5.09 24.51 -4.71
N THR D 161 -5.77 24.37 -5.84
CA THR D 161 -6.24 23.05 -6.26
C THR D 161 -5.08 22.04 -6.22
N ASP D 162 -5.36 20.81 -5.78
CA ASP D 162 -4.34 19.74 -5.66
C ASP D 162 -3.57 19.54 -6.97
N ASN D 163 -4.29 19.60 -8.08
CA ASN D 163 -3.72 19.32 -9.38
C ASN D 163 -2.70 20.40 -9.81
N ASP D 164 -2.99 21.65 -9.45
CA ASP D 164 -2.14 22.81 -9.81
C ASP D 164 -1.08 23.12 -8.74
N ALA D 165 -1.20 22.51 -7.57
CA ALA D 165 -0.18 22.72 -6.55
C ALA D 165 1.02 21.83 -6.85
N ASN D 166 0.77 20.73 -7.53
CA ASN D 166 1.87 19.90 -7.97
C ASN D 166 2.71 20.65 -9.02
N VAL D 167 2.02 21.25 -10.00
CA VAL D 167 2.66 22.07 -11.03
C VAL D 167 3.57 23.12 -10.40
N LEU D 168 3.12 23.69 -9.27
CA LEU D 168 3.85 24.76 -8.61
C LEU D 168 5.00 24.27 -7.78
N SER D 169 4.84 23.16 -7.08
CA SER D 169 5.96 22.75 -6.23
C SER D 169 7.05 22.11 -7.09
N ARG D 170 6.64 21.51 -8.22
CA ARG D 170 7.60 20.82 -9.10
C ARG D 170 8.55 21.86 -9.69
N ALA D 171 7.94 22.93 -10.19
CA ALA D 171 8.66 24.13 -10.60
C ALA D 171 9.54 24.70 -9.45
N ILE D 172 8.94 25.02 -8.30
CA ILE D 172 9.70 25.66 -7.22
C ILE D 172 10.86 24.78 -6.77
N VAL D 173 10.72 23.46 -6.96
CA VAL D 173 11.80 22.53 -6.61
C VAL D 173 12.99 22.63 -7.55
N ARG D 174 12.69 22.78 -8.85
CA ARG D 174 13.77 22.86 -9.86
C ARG D 174 14.56 24.17 -9.76
N LEU D 175 13.82 25.26 -9.54
CA LEU D 175 14.41 26.57 -9.37
C LEU D 175 15.32 26.56 -8.15
N CYS D 176 14.76 26.10 -7.04
CA CYS D 176 15.45 26.18 -5.76
C CYS D 176 16.71 25.31 -5.78
N LEU D 177 16.63 24.29 -6.63
CA LEU D 177 17.70 23.33 -6.87
C LEU D 177 18.74 23.85 -7.93
N SER D 178 18.24 24.68 -8.84
CA SER D 178 19.11 25.43 -9.74
C SER D 178 19.97 26.41 -8.94
N TYR D 179 19.43 26.83 -7.78
CA TYR D 179 20.02 27.89 -6.99
C TYR D 179 20.99 27.33 -6.00
N VAL D 180 21.09 26.01 -5.97
CA VAL D 180 22.03 25.39 -5.07
C VAL D 180 23.44 25.39 -5.66
N SER D 181 23.52 24.99 -6.93
CA SER D 181 24.78 25.01 -7.66
C SER D 181 25.19 26.39 -8.20
N MET D 182 24.22 27.15 -8.73
CA MET D 182 24.47 28.47 -9.31
C MET D 182 23.70 29.49 -8.48
N PRO D 183 24.37 30.05 -7.44
CA PRO D 183 23.78 30.87 -6.36
C PRO D 183 23.10 32.07 -6.97
N PRO D 184 22.24 32.75 -6.22
CA PRO D 184 21.51 33.87 -6.81
C PRO D 184 22.43 35.07 -7.02
N GLU D 185 22.06 35.96 -7.94
CA GLU D 185 22.92 37.09 -8.31
C GLU D 185 23.27 37.91 -7.07
N ALA D 186 24.57 38.08 -6.81
CA ALA D 186 25.08 38.69 -5.59
C ALA D 186 24.37 40.01 -5.30
N ASP D 187 24.23 40.83 -6.33
CA ASP D 187 23.62 42.15 -6.20
C ASP D 187 22.11 42.24 -6.49
N HIS D 188 21.46 41.12 -6.74
CA HIS D 188 20.00 41.14 -6.87
C HIS D 188 19.32 40.59 -5.61
N ASP D 189 18.12 41.09 -5.33
CA ASP D 189 17.30 40.41 -4.34
C ASP D 189 16.45 39.49 -5.20
N VAL D 190 16.79 38.19 -5.20
CA VAL D 190 16.06 37.19 -6.01
C VAL D 190 14.99 36.47 -5.21
N ALA D 191 15.04 36.61 -3.90
CA ALA D 191 14.00 36.04 -3.06
C ALA D 191 12.76 36.85 -3.37
N ALA D 192 12.97 38.16 -3.40
CA ALA D 192 11.94 39.13 -3.73
C ALA D 192 11.34 38.81 -5.08
N ASP D 193 12.22 38.69 -6.06
CA ASP D 193 11.79 38.57 -7.44
C ASP D 193 11.05 37.25 -7.64
N LEU D 194 11.56 36.19 -7.02
CA LEU D 194 10.94 34.87 -7.16
C LEU D 194 9.52 34.87 -6.63
N ALA D 195 9.31 35.60 -5.54
CA ALA D 195 7.98 35.71 -4.97
C ALA D 195 7.03 36.52 -5.86
N ARG D 196 7.52 37.64 -6.37
CA ARG D 196 6.76 38.49 -7.30
C ARG D 196 6.16 37.67 -8.44
N LEU D 197 6.90 36.62 -8.81
CA LEU D 197 6.56 35.68 -9.88
C LEU D 197 5.45 34.67 -9.57
N ILE D 198 5.55 33.95 -8.44
CA ILE D 198 4.55 32.90 -8.15
C ILE D 198 3.24 33.46 -7.68
N THR D 199 3.31 34.51 -6.86
CA THR D 199 2.14 35.05 -6.20
C THR D 199 0.91 35.22 -7.08
N PRO D 200 1.08 35.76 -8.31
CA PRO D 200 -0.05 35.88 -9.25
C PRO D 200 -0.66 34.52 -9.63
N PHE D 201 0.07 33.44 -9.38
CA PHE D 201 -0.44 32.07 -9.56
C PHE D 201 -1.37 31.61 -8.45
N ALA D 202 -0.89 31.77 -7.22
CA ALA D 202 -1.58 31.27 -6.03
C ALA D 202 -3.01 31.78 -5.98
N GLU D 203 -3.25 32.96 -6.55
CA GLU D 203 -4.55 33.58 -6.53
C GLU D 203 -5.55 33.08 -7.57
N ARG D 204 -5.07 32.87 -8.80
CA ARG D 204 -5.93 32.39 -9.89
C ARG D 204 -6.24 30.89 -9.70
N HIS D 205 -5.30 30.23 -9.05
CA HIS D 205 -5.42 28.80 -8.75
C HIS D 205 -5.88 28.33 -7.34
N GLY D 206 -6.41 29.25 -6.56
CA GLY D 206 -7.04 28.90 -5.30
C GLY D 206 -8.23 27.99 -5.58
N VAL D 207 -8.93 27.57 -4.53
CA VAL D 207 -10.08 26.68 -4.69
C VAL D 207 -11.39 27.46 -4.49
N ILE D 208 -12.45 27.02 -5.15
CA ILE D 208 -13.73 27.75 -5.27
C ILE D 208 -14.45 28.29 -3.99
N ASN D 209 -14.98 29.52 -4.09
CA ASN D 209 -15.85 30.14 -3.06
C ASN D 209 -15.17 30.86 -1.86
N ARG E 13 -37.16 -28.80 42.64
CA ARG E 13 -36.95 -28.96 41.22
C ARG E 13 -35.53 -28.53 40.80
N ILE E 14 -35.18 -27.27 41.07
CA ILE E 14 -33.94 -26.60 40.61
C ILE E 14 -32.75 -26.68 41.59
N PRO E 15 -31.58 -27.16 41.12
CA PRO E 15 -30.38 -27.38 41.96
C PRO E 15 -29.89 -26.17 42.77
N TYR E 16 -29.16 -26.41 43.85
CA TYR E 16 -28.78 -25.30 44.68
C TYR E 16 -27.80 -24.42 43.95
N ALA E 17 -26.64 -24.97 43.59
CA ALA E 17 -25.53 -24.17 43.01
C ALA E 17 -25.98 -23.38 41.77
N GLU E 18 -26.95 -23.96 41.05
CA GLU E 18 -27.66 -23.30 39.94
C GLU E 18 -28.64 -22.17 40.35
N ALA E 19 -29.66 -22.42 41.18
CA ALA E 19 -30.55 -21.32 41.57
C ALA E 19 -29.91 -20.38 42.60
N SER E 20 -28.68 -20.74 43.01
CA SER E 20 -27.86 -19.93 43.90
C SER E 20 -27.32 -18.72 43.14
N ARG E 21 -26.49 -19.01 42.13
CA ARG E 21 -26.02 -18.00 41.17
C ARG E 21 -27.16 -17.32 40.41
N ALA E 22 -28.08 -18.08 39.82
CA ALA E 22 -29.19 -17.44 39.11
C ALA E 22 -29.99 -16.52 40.01
N LEU E 23 -29.88 -16.71 41.33
CA LEU E 23 -30.44 -15.73 42.28
C LEU E 23 -29.50 -14.55 42.55
N LEU E 24 -28.20 -14.82 42.52
CA LEU E 24 -27.16 -13.80 42.69
C LEU E 24 -27.40 -12.66 41.70
N ARG E 25 -27.45 -13.02 40.40
CA ARG E 25 -27.74 -12.09 39.32
C ARG E 25 -28.97 -11.27 39.61
N ASP E 26 -30.13 -11.91 39.61
CA ASP E 26 -31.39 -11.18 39.65
C ASP E 26 -31.51 -10.27 40.86
N SER E 27 -30.56 -10.41 41.80
CA SER E 27 -30.41 -9.44 42.89
C SER E 27 -29.66 -8.17 42.44
N VAL E 28 -28.53 -8.37 41.77
CA VAL E 28 -27.62 -7.32 41.28
C VAL E 28 -28.23 -6.44 40.20
N LEU E 29 -28.88 -7.05 39.22
CA LEU E 29 -29.53 -6.34 38.13
C LEU E 29 -30.84 -5.71 38.56
N ASP E 30 -31.27 -5.96 39.79
CA ASP E 30 -32.27 -5.08 40.39
C ASP E 30 -31.61 -4.01 41.28
N ALA E 31 -30.32 -4.19 41.58
CA ALA E 31 -29.52 -3.23 42.36
C ALA E 31 -28.68 -2.35 41.43
N MET E 32 -28.77 -2.68 40.16
CA MET E 32 -28.42 -1.77 39.09
C MET E 32 -29.63 -0.88 38.79
N ARG E 33 -30.81 -1.47 38.73
CA ARG E 33 -32.02 -0.68 38.47
C ARG E 33 -32.23 0.37 39.55
N ASP E 34 -31.71 0.10 40.73
CA ASP E 34 -31.89 0.98 41.90
C ASP E 34 -30.93 2.19 41.96
N LEU E 35 -29.69 2.00 41.52
CA LEU E 35 -28.74 3.11 41.52
C LEU E 35 -29.16 4.16 40.48
N LEU E 36 -29.63 3.68 39.34
CA LEU E 36 -30.03 4.52 38.22
C LEU E 36 -31.53 4.88 38.11
N LEU E 37 -32.35 4.54 39.09
CA LEU E 37 -33.66 5.18 39.16
C LEU E 37 -33.38 6.66 39.50
N THR E 38 -32.29 6.90 40.22
CA THR E 38 -31.85 8.25 40.58
C THR E 38 -30.68 8.90 39.77
N ARG E 39 -30.09 8.18 38.82
CA ARG E 39 -28.80 8.61 38.24
C ARG E 39 -28.54 8.16 36.78
N ASP E 40 -27.38 8.52 36.22
CA ASP E 40 -27.04 8.12 34.83
C ASP E 40 -25.84 7.19 34.80
N TRP E 41 -25.86 6.30 33.80
CA TRP E 41 -24.95 5.17 33.70
C TRP E 41 -23.42 5.46 33.55
N SER E 42 -23.02 6.71 33.34
CA SER E 42 -21.59 7.03 33.43
C SER E 42 -21.19 7.08 34.91
N ALA E 43 -22.21 7.19 35.76
CA ALA E 43 -22.10 7.45 37.20
C ALA E 43 -21.96 6.17 38.05
N ILE E 44 -21.74 5.05 37.37
CA ILE E 44 -21.81 3.74 37.97
C ILE E 44 -20.66 2.79 37.53
N THR E 45 -20.12 2.02 38.47
CA THR E 45 -18.97 1.14 38.22
C THR E 45 -19.24 -0.33 38.63
N LEU E 46 -18.21 -1.17 38.57
CA LEU E 46 -18.24 -2.47 39.22
C LEU E 46 -18.33 -2.23 40.72
N SER E 47 -17.35 -1.47 41.21
CA SER E 47 -17.33 -1.06 42.60
C SER E 47 -18.64 -0.38 43.06
N ASP E 48 -19.13 0.59 42.30
CA ASP E 48 -20.39 1.28 42.66
C ASP E 48 -21.65 0.38 42.67
N VAL E 49 -21.66 -0.70 41.86
CA VAL E 49 -22.73 -1.72 41.94
C VAL E 49 -22.59 -2.79 43.04
N ALA E 50 -21.38 -3.36 43.13
CA ALA E 50 -21.04 -4.38 44.12
C ALA E 50 -21.40 -3.92 45.54
N ARG E 51 -20.73 -2.86 45.98
CA ARG E 51 -20.98 -2.22 47.27
C ARG E 51 -22.48 -1.96 47.55
N ALA E 52 -23.26 -1.69 46.50
CA ALA E 52 -24.66 -1.30 46.69
C ALA E 52 -25.74 -2.39 46.52
N ALA E 53 -25.35 -3.61 46.13
CA ALA E 53 -26.26 -4.78 46.28
C ALA E 53 -25.94 -5.70 47.48
N GLY E 54 -24.85 -5.39 48.20
CA GLY E 54 -24.24 -6.34 49.12
C GLY E 54 -23.50 -7.52 48.49
N ILE E 55 -22.43 -7.25 47.73
CA ILE E 55 -21.66 -8.32 47.07
C ILE E 55 -20.16 -7.98 46.92
N SER E 56 -19.31 -8.99 46.72
CA SER E 56 -17.87 -8.76 46.52
C SER E 56 -17.49 -8.09 45.18
N ARG E 57 -16.44 -7.26 45.16
CA ARG E 57 -16.01 -6.67 43.87
C ARG E 57 -15.37 -7.73 43.00
N GLN E 58 -14.61 -8.64 43.61
CA GLN E 58 -14.05 -9.74 42.84
C GLN E 58 -15.15 -10.77 42.53
N THR E 59 -16.33 -10.62 43.15
CA THR E 59 -17.50 -11.45 42.80
C THR E 59 -18.24 -11.04 41.54
N ILE E 60 -18.64 -9.78 41.43
CA ILE E 60 -19.49 -9.36 40.31
C ILE E 60 -18.75 -9.41 38.95
N TYR E 61 -17.41 -9.46 39.04
CA TYR E 61 -16.50 -9.76 37.93
C TYR E 61 -16.70 -11.20 37.44
N ASN E 62 -16.99 -12.11 38.37
CA ASN E 62 -17.12 -13.52 38.03
C ASN E 62 -18.47 -13.91 37.45
N GLU E 63 -19.53 -13.30 37.94
CA GLU E 63 -20.84 -13.59 37.39
C GLU E 63 -21.03 -12.85 36.06
N PHE E 64 -20.16 -11.88 35.80
CA PHE E 64 -20.30 -10.96 34.66
C PHE E 64 -19.04 -10.86 33.75
N GLY E 65 -17.92 -10.42 34.33
CA GLY E 65 -16.65 -10.27 33.62
C GLY E 65 -16.17 -8.84 33.35
N SER E 66 -17.11 -7.89 33.38
CA SER E 66 -16.82 -6.49 33.12
C SER E 66 -18.02 -5.62 33.46
N ARG E 67 -17.93 -4.33 33.14
CA ARG E 67 -19.08 -3.43 33.24
C ARG E 67 -19.96 -3.61 31.98
N GLN E 68 -19.34 -4.20 30.96
CA GLN E 68 -20.00 -4.52 29.69
C GLN E 68 -20.81 -5.81 29.75
N GLY E 69 -20.33 -6.79 30.52
CA GLY E 69 -21.01 -8.06 30.68
C GLY E 69 -22.21 -7.86 31.60
N LEU E 70 -22.09 -6.80 32.40
CA LEU E 70 -23.11 -6.34 33.35
C LEU E 70 -24.26 -5.64 32.62
N ALA E 71 -23.92 -4.95 31.54
CA ALA E 71 -24.91 -4.32 30.66
C ALA E 71 -25.66 -5.33 29.77
N GLN E 72 -24.89 -6.15 29.07
CA GLN E 72 -25.41 -7.24 28.24
C GLN E 72 -26.29 -8.13 29.09
N GLY E 73 -26.03 -8.14 30.40
CA GLY E 73 -26.83 -8.86 31.37
C GLY E 73 -28.19 -8.23 31.65
N TYR E 74 -28.21 -6.93 31.93
CA TYR E 74 -29.46 -6.21 32.15
C TYR E 74 -30.35 -6.32 30.89
N ALA E 75 -29.70 -6.32 29.73
CA ALA E 75 -30.39 -6.37 28.45
C ALA E 75 -31.07 -7.71 28.21
N LEU E 76 -30.27 -8.77 28.24
CA LEU E 76 -30.75 -10.14 28.14
C LEU E 76 -31.90 -10.42 29.14
N ARG E 77 -31.82 -9.83 30.34
CA ARG E 77 -32.94 -9.91 31.28
C ARG E 77 -34.16 -9.12 30.80
N LEU E 78 -33.97 -7.82 30.57
CA LEU E 78 -35.08 -6.92 30.24
C LEU E 78 -35.74 -7.37 28.95
N ALA E 79 -34.98 -8.11 28.16
CA ALA E 79 -35.51 -8.70 26.94
C ALA E 79 -36.63 -9.62 27.36
N ASP E 80 -36.26 -10.60 28.17
CA ASP E 80 -37.18 -11.65 28.51
C ASP E 80 -38.43 -11.06 29.14
N ARG E 81 -38.26 -10.29 30.22
CA ARG E 81 -39.42 -9.73 30.92
C ARG E 81 -40.31 -8.94 29.96
N LEU E 82 -39.74 -8.55 28.83
CA LEU E 82 -40.49 -7.88 27.75
C LEU E 82 -41.26 -8.75 26.75
N VAL E 83 -40.64 -9.85 26.29
CA VAL E 83 -41.28 -10.74 25.31
C VAL E 83 -42.33 -11.62 25.99
N ASP E 84 -42.19 -11.77 27.31
CA ASP E 84 -43.15 -12.52 28.11
C ASP E 84 -44.43 -11.70 28.29
N ASN E 85 -44.28 -10.38 28.47
CA ASN E 85 -45.41 -9.47 28.69
C ASN E 85 -46.46 -9.49 27.56
N VAL E 86 -46.09 -10.12 26.45
CA VAL E 86 -47.00 -10.34 25.32
C VAL E 86 -47.92 -11.53 25.57
N HIS E 87 -47.37 -12.55 26.23
CA HIS E 87 -48.08 -13.81 26.49
C HIS E 87 -49.34 -13.60 27.33
N ALA E 88 -49.30 -12.60 28.21
CA ALA E 88 -50.45 -12.28 29.06
C ALA E 88 -51.58 -11.59 28.29
N SER E 89 -51.23 -10.55 27.55
CA SER E 89 -52.22 -9.78 26.81
C SER E 89 -52.53 -10.38 25.41
N LEU E 90 -51.82 -11.44 25.04
CA LEU E 90 -52.17 -12.23 23.84
C LEU E 90 -53.36 -13.17 24.11
N ASP E 91 -53.30 -13.89 25.23
CA ASP E 91 -54.31 -14.89 25.59
C ASP E 91 -55.41 -14.34 26.50
N ALA E 92 -55.28 -13.06 26.87
CA ALA E 92 -56.34 -12.33 27.58
C ALA E 92 -57.44 -11.92 26.60
N ASN E 93 -57.08 -11.82 25.33
CA ASN E 93 -58.04 -11.72 24.24
C ASN E 93 -57.91 -12.94 23.33
N VAL E 94 -58.91 -13.82 23.39
CA VAL E 94 -58.86 -15.10 22.67
C VAL E 94 -59.75 -15.11 21.44
N GLY E 95 -59.16 -15.43 20.30
CA GLY E 95 -59.89 -15.53 19.05
C GLY E 95 -59.81 -14.29 18.17
N ASN E 96 -59.53 -13.13 18.77
CA ASN E 96 -59.48 -11.87 18.05
C ASN E 96 -58.04 -11.38 17.80
N PHE E 97 -57.58 -11.43 16.54
CA PHE E 97 -56.19 -11.13 16.18
C PHE E 97 -55.78 -9.67 16.36
N TYR E 98 -56.55 -8.74 15.78
CA TYR E 98 -56.20 -7.32 15.88
C TYR E 98 -56.20 -6.81 17.33
N GLU E 99 -57.13 -7.32 18.14
CA GLU E 99 -57.21 -6.93 19.55
C GLU E 99 -56.00 -7.44 20.33
N ALA E 100 -55.50 -8.61 19.93
CA ALA E 100 -54.43 -9.29 20.64
C ALA E 100 -53.11 -8.52 20.63
N PHE E 101 -52.60 -8.25 19.43
CA PHE E 101 -51.33 -7.56 19.27
C PHE E 101 -51.49 -6.17 19.87
N LEU E 102 -52.66 -5.57 19.66
CA LEU E 102 -53.00 -4.23 20.17
C LEU E 102 -52.93 -4.10 21.71
N GLN E 103 -53.36 -5.13 22.43
CA GLN E 103 -53.41 -5.13 23.89
C GLN E 103 -52.00 -5.10 24.52
N GLY E 104 -51.13 -6.00 24.05
CA GLY E 104 -49.74 -6.06 24.49
C GLY E 104 -48.79 -5.03 23.89
N PHE E 105 -48.84 -4.85 22.57
CA PHE E 105 -47.97 -3.87 21.88
C PHE E 105 -48.13 -2.49 22.54
N ARG E 106 -49.31 -2.21 23.06
CA ARG E 106 -49.50 -1.00 23.87
C ARG E 106 -48.65 -1.12 25.14
N SER E 107 -48.80 -2.26 25.81
CA SER E 107 -48.08 -2.55 27.05
C SER E 107 -46.57 -2.38 26.86
N PHE E 108 -46.05 -3.03 25.82
CA PHE E 108 -44.63 -3.02 25.55
C PHE E 108 -44.06 -1.61 25.62
N PHE E 109 -44.71 -0.66 24.95
CA PHE E 109 -44.19 0.71 24.84
C PHE E 109 -44.14 1.42 26.19
N ALA E 110 -45.21 1.30 26.97
CA ALA E 110 -45.28 1.95 28.28
C ALA E 110 -44.18 1.42 29.20
N GLU E 111 -44.06 0.09 29.25
CA GLU E 111 -43.11 -0.61 30.11
C GLU E 111 -41.66 -0.30 29.71
N SER E 112 -41.43 -0.29 28.40
CA SER E 112 -40.09 -0.14 27.82
C SER E 112 -39.55 1.30 27.76
N ALA E 113 -40.42 2.26 27.53
CA ALA E 113 -39.98 3.67 27.53
C ALA E 113 -39.71 4.14 28.96
N ALA E 114 -40.50 3.60 29.88
CA ALA E 114 -40.45 3.96 31.28
C ALA E 114 -39.31 3.25 32.02
N ASP E 115 -38.80 2.15 31.46
CA ASP E 115 -37.70 1.40 32.08
C ASP E 115 -36.49 2.27 32.45
N PRO E 116 -36.02 2.14 33.71
CA PRO E 116 -34.92 2.94 34.26
C PRO E 116 -33.64 3.07 33.41
N LEU E 117 -33.28 2.08 32.61
CA LEU E 117 -32.10 2.21 31.74
C LEU E 117 -32.35 2.96 30.42
N VAL E 118 -33.49 2.66 29.79
CA VAL E 118 -33.90 3.35 28.57
C VAL E 118 -33.93 4.88 28.76
N ILE E 119 -34.38 5.30 29.93
CA ILE E 119 -34.31 6.70 30.36
C ILE E 119 -32.90 7.27 30.13
N SER E 120 -31.89 6.42 30.29
CA SER E 120 -30.50 6.91 30.26
C SER E 120 -29.95 7.20 28.87
N LEU E 121 -30.12 6.27 27.94
CA LEU E 121 -29.73 6.55 26.56
C LEU E 121 -30.58 7.70 26.13
N LEU E 122 -31.88 7.45 26.17
CA LEU E 122 -32.89 8.38 25.67
C LEU E 122 -32.85 9.79 26.31
N THR E 123 -33.01 9.87 27.62
CA THR E 123 -33.11 11.18 28.30
C THR E 123 -31.84 11.74 28.97
N GLY E 124 -30.74 10.98 28.93
CA GLY E 124 -29.49 11.41 29.56
C GLY E 124 -28.36 11.75 28.61
N VAL E 125 -27.14 11.63 29.13
CA VAL E 125 -25.89 11.79 28.39
C VAL E 125 -25.69 10.71 27.33
N ALA E 126 -24.77 10.98 26.42
CA ALA E 126 -24.43 10.04 25.35
C ALA E 126 -23.35 9.04 25.76
N LYS E 127 -23.65 7.77 25.54
CA LYS E 127 -22.76 6.67 25.87
C LYS E 127 -22.33 5.87 24.65
N PRO E 128 -21.02 5.81 24.37
CA PRO E 128 -20.47 5.09 23.20
C PRO E 128 -20.67 3.57 23.22
N ASP E 129 -20.33 2.93 24.33
CA ASP E 129 -20.38 1.47 24.40
C ASP E 129 -21.80 1.01 24.75
N LEU E 130 -22.63 1.97 25.13
CA LEU E 130 -24.04 1.74 25.43
C LEU E 130 -24.87 1.69 24.14
N LEU E 131 -24.33 2.28 23.08
CA LEU E 131 -24.98 2.22 21.78
C LEU E 131 -24.67 0.88 21.16
N GLN E 132 -23.43 0.45 21.36
CA GLN E 132 -22.87 -0.73 20.73
C GLN E 132 -23.68 -2.01 20.99
N LEU E 133 -24.51 -1.96 22.03
CA LEU E 133 -25.46 -3.02 22.38
C LEU E 133 -26.60 -3.11 21.38
N ILE E 134 -27.28 -1.98 21.21
CA ILE E 134 -28.36 -1.89 20.24
C ILE E 134 -27.87 -2.07 18.78
N THR E 135 -26.58 -1.83 18.54
CA THR E 135 -26.11 -1.87 17.17
C THR E 135 -24.96 -2.83 16.85
N THR E 136 -23.73 -2.49 17.22
CA THR E 136 -22.57 -3.21 16.65
C THR E 136 -22.64 -4.71 16.85
N ASP E 137 -22.75 -5.13 18.11
CA ASP E 137 -23.25 -6.48 18.39
C ASP E 137 -24.58 -6.37 19.17
N SER E 138 -25.68 -6.47 18.44
CA SER E 138 -26.99 -6.64 19.04
C SER E 138 -27.39 -8.10 18.91
N ALA E 139 -26.44 -8.91 18.42
CA ALA E 139 -26.65 -10.34 18.22
C ALA E 139 -27.37 -11.09 19.37
N PRO E 140 -26.98 -10.82 20.65
CA PRO E 140 -27.61 -11.48 21.81
C PRO E 140 -29.13 -11.25 21.98
N ILE E 141 -29.56 -10.00 21.94
CA ILE E 141 -30.93 -9.62 22.23
C ILE E 141 -31.87 -10.08 21.15
N ILE E 142 -31.39 -10.11 19.92
CA ILE E 142 -32.25 -10.46 18.80
C ILE E 142 -32.19 -11.95 18.49
N THR E 143 -31.23 -12.65 19.08
CA THR E 143 -31.25 -14.11 19.12
C THR E 143 -32.17 -14.63 20.27
N ARG E 144 -31.99 -14.05 21.45
CA ARG E 144 -32.69 -14.48 22.66
C ARG E 144 -34.15 -14.03 22.71
N ALA E 145 -34.42 -12.79 22.32
CA ALA E 145 -35.80 -12.32 22.25
C ALA E 145 -36.50 -12.98 21.06
N SER E 146 -35.73 -13.44 20.08
CA SER E 146 -36.31 -14.12 18.93
C SER E 146 -36.69 -15.57 19.19
N ALA E 147 -35.75 -16.35 19.74
CA ALA E 147 -35.95 -17.77 20.02
C ALA E 147 -37.00 -17.97 21.11
N ARG E 148 -37.02 -17.04 22.06
CA ARG E 148 -38.06 -16.92 23.08
C ARG E 148 -39.47 -16.70 22.48
N LEU E 149 -39.70 -15.54 21.85
CA LEU E 149 -41.00 -15.24 21.24
C LEU E 149 -41.38 -16.13 20.06
N ALA E 150 -40.45 -16.96 19.58
CA ALA E 150 -40.75 -17.89 18.47
C ALA E 150 -41.78 -18.99 18.82
N PRO E 151 -41.63 -19.65 20.00
CA PRO E 151 -42.64 -20.58 20.56
C PRO E 151 -43.90 -19.90 21.12
N ALA E 152 -43.80 -18.64 21.55
CA ALA E 152 -44.98 -17.91 22.01
C ALA E 152 -45.98 -17.77 20.88
N PHE E 153 -45.46 -17.74 19.65
CA PHE E 153 -46.31 -17.71 18.46
C PHE E 153 -46.87 -19.08 18.01
N THR E 154 -46.01 -20.08 17.90
CA THR E 154 -46.41 -21.36 17.28
C THR E 154 -47.22 -22.30 18.19
N ASP E 155 -46.89 -22.32 19.49
CA ASP E 155 -47.57 -23.18 20.48
C ASP E 155 -48.91 -22.66 21.09
N THR E 156 -49.07 -21.34 21.19
CA THR E 156 -50.27 -20.72 21.82
C THR E 156 -51.53 -20.75 20.95
N TRP E 157 -52.62 -20.12 21.43
CA TRP E 157 -53.90 -20.19 20.72
C TRP E 157 -53.86 -19.64 19.29
N VAL E 158 -52.83 -18.86 18.99
CA VAL E 158 -52.57 -18.44 17.61
C VAL E 158 -51.91 -19.60 16.87
N ALA E 159 -52.46 -19.93 15.70
CA ALA E 159 -51.94 -21.05 14.93
C ALA E 159 -51.05 -20.54 13.80
N THR E 160 -49.75 -20.82 13.91
CA THR E 160 -48.81 -20.49 12.85
C THR E 160 -47.70 -21.53 12.78
N THR E 161 -47.23 -21.84 11.57
CA THR E 161 -46.17 -22.82 11.40
C THR E 161 -44.91 -22.29 12.08
N ASP E 162 -43.98 -23.19 12.42
CA ASP E 162 -42.79 -22.80 13.18
C ASP E 162 -41.73 -22.04 12.37
N ASN E 163 -41.70 -22.26 11.05
CA ASN E 163 -40.78 -21.49 10.21
C ASN E 163 -41.28 -20.10 9.85
N ASP E 164 -42.58 -19.95 9.62
CA ASP E 164 -43.16 -18.62 9.38
C ASP E 164 -43.40 -17.86 10.71
N ALA E 165 -43.21 -18.56 11.83
CA ALA E 165 -43.14 -17.92 13.13
C ALA E 165 -41.68 -17.63 13.49
N ASN E 166 -40.77 -18.13 12.65
CA ASN E 166 -39.35 -17.75 12.64
C ASN E 166 -39.15 -16.43 11.90
N VAL E 167 -39.87 -16.28 10.80
CA VAL E 167 -39.95 -15.01 10.14
C VAL E 167 -40.56 -14.03 11.12
N LEU E 168 -41.76 -14.34 11.60
CA LEU E 168 -42.53 -13.45 12.46
C LEU E 168 -41.75 -13.04 13.71
N SER E 169 -40.97 -13.96 14.27
CA SER E 169 -40.15 -13.60 15.42
C SER E 169 -39.02 -12.60 15.07
N ARG E 170 -38.15 -12.96 14.13
CA ARG E 170 -37.02 -12.11 13.74
C ARG E 170 -37.45 -10.72 13.26
N ALA E 171 -38.71 -10.60 12.83
CA ALA E 171 -39.28 -9.33 12.41
C ALA E 171 -39.78 -8.48 13.58
N ILE E 172 -40.36 -9.12 14.60
CA ILE E 172 -40.98 -8.38 15.71
C ILE E 172 -39.97 -7.89 16.76
N VAL E 173 -38.91 -8.67 16.97
CA VAL E 173 -37.81 -8.27 17.83
C VAL E 173 -37.30 -6.93 17.35
N ARG E 174 -36.95 -6.90 16.05
CA ARG E 174 -36.26 -5.78 15.38
C ARG E 174 -36.99 -4.43 15.40
N LEU E 175 -38.29 -4.42 15.08
CA LEU E 175 -39.08 -3.19 15.05
C LEU E 175 -39.25 -2.58 16.43
N CYS E 176 -39.48 -3.46 17.41
CA CYS E 176 -39.61 -3.06 18.80
C CYS E 176 -38.30 -2.46 19.26
N LEU E 177 -37.24 -3.25 19.11
CA LEU E 177 -35.88 -2.87 19.44
C LEU E 177 -35.45 -1.55 18.76
N SER E 178 -36.05 -1.24 17.60
CA SER E 178 -35.80 0.03 16.93
C SER E 178 -36.44 1.16 17.70
N TYR E 179 -37.72 0.96 18.05
CA TYR E 179 -38.50 1.97 18.77
C TYR E 179 -37.91 2.21 20.15
N VAL E 180 -36.94 1.38 20.50
CA VAL E 180 -36.13 1.54 21.70
C VAL E 180 -35.35 2.85 21.70
N SER E 181 -34.52 3.00 20.67
CA SER E 181 -33.75 4.19 20.38
C SER E 181 -34.64 5.31 19.83
N MET E 182 -35.80 4.92 19.30
CA MET E 182 -36.73 5.83 18.66
C MET E 182 -38.11 5.99 19.31
N PRO E 183 -38.32 7.15 19.96
CA PRO E 183 -39.65 7.63 20.36
C PRO E 183 -40.63 7.67 19.17
N PRO E 184 -41.93 7.48 19.44
CA PRO E 184 -42.98 7.63 18.43
C PRO E 184 -43.22 9.11 18.12
N GLU E 185 -43.95 9.42 17.05
CA GLU E 185 -44.07 10.78 16.52
C GLU E 185 -45.24 11.60 17.07
N ALA E 186 -44.92 12.62 17.87
CA ALA E 186 -45.94 13.44 18.58
C ALA E 186 -46.84 12.58 19.49
N ASP E 187 -48.16 12.77 19.34
CA ASP E 187 -49.14 12.02 20.15
C ASP E 187 -49.43 10.65 19.52
N HIS E 188 -48.71 10.34 18.43
CA HIS E 188 -48.92 9.14 17.65
C HIS E 188 -48.95 7.91 18.52
N ASP E 189 -50.02 7.13 18.40
CA ASP E 189 -49.96 5.78 18.91
C ASP E 189 -49.44 5.02 17.72
N VAL E 190 -48.22 4.56 17.86
CA VAL E 190 -47.58 3.77 16.85
C VAL E 190 -48.09 2.34 17.05
N ALA E 191 -48.66 2.10 18.22
CA ALA E 191 -49.26 0.81 18.54
C ALA E 191 -50.43 0.53 17.60
N ALA E 192 -51.34 1.49 17.53
CA ALA E 192 -52.55 1.37 16.71
C ALA E 192 -52.21 0.91 15.30
N ASP E 193 -51.25 1.58 14.70
CA ASP E 193 -50.77 1.24 13.37
C ASP E 193 -50.17 -0.18 13.40
N LEU E 194 -49.53 -0.51 14.52
CA LEU E 194 -48.64 -1.66 14.63
C LEU E 194 -49.28 -3.00 14.38
N ALA E 195 -50.29 -3.34 15.19
CA ALA E 195 -50.97 -4.61 15.07
C ALA E 195 -51.49 -4.80 13.65
N ARG E 196 -51.96 -3.70 13.08
CA ARG E 196 -52.65 -3.70 11.80
C ARG E 196 -51.84 -4.30 10.65
N LEU E 197 -50.52 -4.28 10.77
CA LEU E 197 -49.64 -4.76 9.68
C LEU E 197 -49.45 -6.28 9.56
N ILE E 198 -49.16 -6.95 10.68
CA ILE E 198 -48.88 -8.39 10.67
C ILE E 198 -50.10 -9.24 11.03
N THR E 199 -51.21 -8.59 11.31
CA THR E 199 -52.47 -9.29 11.47
C THR E 199 -52.77 -10.15 10.21
N PRO E 200 -52.57 -9.59 9.01
CA PRO E 200 -52.76 -10.36 7.77
C PRO E 200 -51.88 -11.61 7.67
N PHE E 201 -50.58 -11.47 7.95
CA PHE E 201 -49.63 -12.60 7.88
C PHE E 201 -50.07 -13.75 8.77
N ALA E 202 -50.79 -13.42 9.84
CA ALA E 202 -51.30 -14.42 10.75
C ALA E 202 -52.36 -15.29 10.09
N GLU E 203 -53.17 -14.65 9.26
CA GLU E 203 -54.33 -15.32 8.68
C GLU E 203 -54.02 -16.09 7.40
N ARG E 204 -52.78 -15.98 6.93
CA ARG E 204 -52.33 -16.74 5.75
C ARG E 204 -51.94 -18.18 6.12
N HIS E 205 -51.34 -18.33 7.31
CA HIS E 205 -50.96 -19.64 7.87
C HIS E 205 -51.25 -19.71 9.36
N PRO F 15 -34.08 26.74 -12.54
CA PRO F 15 -33.55 27.72 -11.55
C PRO F 15 -32.03 27.58 -11.49
N TYR F 16 -31.27 28.67 -11.37
CA TYR F 16 -29.82 28.45 -11.45
C TYR F 16 -29.11 28.35 -10.13
N ALA F 17 -29.14 29.45 -9.38
CA ALA F 17 -28.48 29.54 -8.09
C ALA F 17 -28.84 28.36 -7.13
N GLU F 18 -30.03 27.78 -7.30
CA GLU F 18 -30.40 26.65 -6.48
C GLU F 18 -29.92 25.27 -6.96
N ALA F 19 -29.89 25.02 -8.26
CA ALA F 19 -29.24 23.79 -8.78
C ALA F 19 -27.71 23.94 -8.78
N SER F 20 -27.23 25.13 -8.43
CA SER F 20 -25.83 25.33 -8.10
C SER F 20 -25.52 24.54 -6.83
N ARG F 21 -26.31 24.78 -5.78
CA ARG F 21 -26.21 24.06 -4.50
C ARG F 21 -26.12 22.57 -4.74
N ALA F 22 -27.20 22.00 -5.26
CA ALA F 22 -27.30 20.57 -5.43
C ALA F 22 -26.26 19.95 -6.38
N LEU F 23 -25.55 20.77 -7.15
CA LEU F 23 -24.29 20.32 -7.77
C LEU F 23 -23.18 20.32 -6.71
N LEU F 24 -23.18 21.34 -5.84
CA LEU F 24 -22.16 21.44 -4.79
C LEU F 24 -22.22 20.23 -3.89
N ARG F 25 -23.40 20.00 -3.30
CA ARG F 25 -23.63 18.92 -2.34
C ARG F 25 -23.19 17.57 -2.87
N ASP F 26 -23.65 17.23 -4.07
CA ASP F 26 -23.28 15.97 -4.69
C ASP F 26 -21.78 15.83 -4.94
N SER F 27 -21.13 16.89 -5.38
CA SER F 27 -19.70 16.86 -5.61
C SER F 27 -18.94 16.70 -4.29
N VAL F 28 -19.55 17.16 -3.20
CA VAL F 28 -18.96 17.01 -1.86
C VAL F 28 -19.23 15.66 -1.15
N LEU F 29 -20.38 15.07 -1.43
CA LEU F 29 -20.68 13.70 -0.98
C LEU F 29 -19.99 12.70 -1.89
N ASP F 30 -19.95 13.00 -3.19
CA ASP F 30 -19.16 12.15 -4.06
C ASP F 30 -17.69 12.38 -3.79
N ALA F 31 -17.40 13.42 -3.01
CA ALA F 31 -16.03 13.66 -2.62
C ALA F 31 -15.67 12.57 -1.64
N MET F 32 -16.32 12.57 -0.48
CA MET F 32 -16.05 11.56 0.56
C MET F 32 -16.31 10.11 0.11
N ARG F 33 -17.41 9.84 -0.58
CA ARG F 33 -17.74 8.47 -1.03
C ARG F 33 -16.59 7.87 -1.86
N ASP F 34 -15.72 8.73 -2.35
CA ASP F 34 -14.42 8.34 -2.89
C ASP F 34 -13.27 8.22 -1.85
N LEU F 35 -13.22 9.16 -0.92
CA LEU F 35 -12.27 9.12 0.20
C LEU F 35 -12.53 7.92 1.14
N LEU F 36 -13.74 7.35 1.08
CA LEU F 36 -14.09 6.17 1.89
C LEU F 36 -13.57 4.86 1.35
N LEU F 37 -13.76 4.61 0.05
CA LEU F 37 -13.33 3.36 -0.59
C LEU F 37 -11.88 3.01 -0.24
N THR F 38 -11.07 4.06 -0.05
CA THR F 38 -9.68 3.93 0.40
C THR F 38 -9.32 4.21 1.90
N ARG F 39 -10.32 4.50 2.73
CA ARG F 39 -10.07 4.93 4.11
C ARG F 39 -11.16 4.53 5.13
N ASP F 40 -11.12 5.14 6.31
CA ASP F 40 -12.16 4.90 7.31
C ASP F 40 -12.67 6.25 7.76
N TRP F 41 -13.98 6.38 7.89
CA TRP F 41 -14.59 7.65 8.26
C TRP F 41 -14.01 8.29 9.53
N SER F 42 -13.51 7.48 10.46
CA SER F 42 -12.93 8.03 11.68
C SER F 42 -11.64 8.78 11.33
N ALA F 43 -11.17 8.56 10.10
CA ALA F 43 -9.94 9.13 9.53
C ALA F 43 -10.12 10.40 8.70
N ILE F 44 -11.34 10.95 8.67
CA ILE F 44 -11.72 12.02 7.72
C ILE F 44 -12.53 13.19 8.35
N THR F 45 -12.06 14.43 8.15
CA THR F 45 -12.74 15.67 8.55
C THR F 45 -13.39 16.45 7.38
N LEU F 46 -13.88 17.65 7.69
CA LEU F 46 -14.22 18.64 6.66
C LEU F 46 -12.94 19.19 6.03
N SER F 47 -11.81 19.01 6.69
CA SER F 47 -10.53 19.29 6.07
C SER F 47 -10.26 18.35 4.89
N ASP F 48 -10.58 17.07 5.09
CA ASP F 48 -10.26 16.00 4.13
C ASP F 48 -11.09 16.05 2.84
N VAL F 49 -12.38 16.35 3.00
CA VAL F 49 -13.34 16.32 1.91
C VAL F 49 -13.24 17.50 0.95
N ALA F 50 -13.31 18.73 1.46
CA ALA F 50 -13.23 19.93 0.61
C ALA F 50 -12.05 19.79 -0.31
N ARG F 51 -10.86 19.77 0.29
CA ARG F 51 -9.59 19.66 -0.44
C ARG F 51 -9.60 18.54 -1.51
N ALA F 52 -10.35 17.47 -1.27
CA ALA F 52 -10.49 16.44 -2.28
C ALA F 52 -11.67 16.68 -3.23
N ALA F 53 -12.59 17.55 -2.84
CA ALA F 53 -13.66 17.96 -3.76
C ALA F 53 -13.34 19.32 -4.38
N GLY F 54 -12.21 19.89 -4.00
CA GLY F 54 -11.70 21.12 -4.59
C GLY F 54 -12.37 22.42 -4.14
N ILE F 55 -12.94 22.42 -2.95
CA ILE F 55 -13.64 23.58 -2.41
C ILE F 55 -12.91 24.10 -1.18
N SER F 56 -13.11 25.36 -0.85
CA SER F 56 -12.52 25.87 0.39
C SER F 56 -13.11 25.12 1.58
N ARG F 57 -12.30 24.96 2.65
CA ARG F 57 -12.77 24.35 3.90
C ARG F 57 -13.94 25.20 4.38
N GLN F 58 -13.68 26.50 4.43
CA GLN F 58 -14.68 27.50 4.81
C GLN F 58 -15.99 27.33 4.05
N THR F 59 -15.92 26.91 2.80
CA THR F 59 -17.14 26.69 2.01
C THR F 59 -17.92 25.44 2.45
N ILE F 60 -17.23 24.32 2.64
CA ILE F 60 -17.90 23.05 2.95
C ILE F 60 -18.62 23.15 4.29
N TYR F 61 -18.20 24.11 5.11
CA TYR F 61 -18.93 24.42 6.33
C TYR F 61 -20.28 25.05 6.07
N ASN F 62 -20.33 26.21 5.43
CA ASN F 62 -21.61 26.93 5.33
C ASN F 62 -22.69 26.13 4.63
N GLU F 63 -22.30 25.08 3.89
CA GLU F 63 -23.33 24.20 3.37
C GLU F 63 -23.69 23.20 4.45
N PHE F 64 -22.79 22.24 4.68
CA PHE F 64 -23.06 21.11 5.57
C PHE F 64 -23.11 21.44 7.06
N GLY F 65 -22.08 22.16 7.51
CA GLY F 65 -22.00 22.72 8.85
C GLY F 65 -21.12 22.01 9.87
N SER F 66 -20.91 20.70 9.74
CA SER F 66 -20.09 19.99 10.73
C SER F 66 -19.60 18.67 10.16
N ARG F 67 -18.56 18.10 10.76
CA ARG F 67 -18.16 16.75 10.34
C ARG F 67 -19.37 15.79 10.49
N GLN F 68 -20.31 16.16 11.37
CA GLN F 68 -21.56 15.40 11.62
C GLN F 68 -22.66 15.65 10.60
N GLY F 69 -22.70 16.87 10.07
CA GLY F 69 -23.69 17.25 9.06
C GLY F 69 -23.35 16.62 7.73
N LEU F 70 -22.07 16.66 7.39
CA LEU F 70 -21.53 15.98 6.22
C LEU F 70 -21.83 14.46 6.28
N ALA F 71 -21.96 13.95 7.51
CA ALA F 71 -22.41 12.59 7.76
C ALA F 71 -23.93 12.51 7.64
N GLN F 72 -24.61 13.49 8.24
CA GLN F 72 -26.06 13.61 8.16
C GLN F 72 -26.54 13.64 6.71
N GLY F 73 -25.81 14.41 5.90
CA GLY F 73 -26.13 14.54 4.49
C GLY F 73 -25.83 13.28 3.69
N TYR F 74 -24.62 12.75 3.87
CA TYR F 74 -24.20 11.59 3.10
C TYR F 74 -25.20 10.44 3.20
N ALA F 75 -25.85 10.32 4.34
CA ALA F 75 -26.82 9.27 4.57
C ALA F 75 -28.13 9.58 3.88
N LEU F 76 -28.63 10.78 4.13
CA LEU F 76 -29.90 11.21 3.56
C LEU F 76 -29.86 11.18 2.04
N ARG F 77 -28.67 11.14 1.46
CA ARG F 77 -28.47 10.83 0.04
C ARG F 77 -28.60 9.30 -0.20
N LEU F 78 -28.34 8.51 0.83
CA LEU F 78 -28.40 7.05 0.75
C LEU F 78 -29.79 6.55 1.11
N ALA F 79 -30.59 7.45 1.68
CA ALA F 79 -32.00 7.17 1.93
C ALA F 79 -32.70 7.23 0.60
N ASP F 80 -32.27 8.19 -0.21
CA ASP F 80 -32.94 8.51 -1.45
C ASP F 80 -32.56 7.62 -2.63
N ARG F 81 -31.28 7.23 -2.70
CA ARG F 81 -30.83 6.35 -3.78
C ARG F 81 -31.55 5.01 -3.66
N LEU F 82 -31.74 4.59 -2.42
CA LEU F 82 -32.42 3.34 -2.11
C LEU F 82 -33.96 3.40 -2.22
N VAL F 83 -34.57 4.41 -1.59
CA VAL F 83 -36.03 4.49 -1.52
C VAL F 83 -36.71 4.49 -2.89
N ASP F 84 -35.97 4.93 -3.91
CA ASP F 84 -36.51 4.98 -5.26
C ASP F 84 -36.32 3.68 -6.04
N ASN F 85 -35.48 2.78 -5.52
CA ASN F 85 -35.31 1.47 -6.16
C ASN F 85 -36.55 0.59 -5.99
N VAL F 86 -37.47 1.03 -5.15
CA VAL F 86 -38.79 0.39 -5.06
C VAL F 86 -39.73 0.88 -6.17
N HIS F 87 -39.76 2.18 -6.45
CA HIS F 87 -40.56 2.67 -7.57
C HIS F 87 -40.08 2.05 -8.88
N ALA F 88 -38.77 1.79 -8.97
CA ALA F 88 -38.18 1.17 -10.15
C ALA F 88 -38.38 -0.36 -10.18
N SER F 89 -38.43 -0.97 -8.99
CA SER F 89 -38.74 -2.39 -8.90
C SER F 89 -40.24 -2.68 -8.97
N LEU F 90 -41.06 -1.86 -8.28
CA LEU F 90 -42.51 -2.09 -8.15
C LEU F 90 -43.29 -1.97 -9.46
N ASP F 91 -42.81 -1.11 -10.36
CA ASP F 91 -43.35 -1.04 -11.72
C ASP F 91 -42.73 -2.14 -12.61
N ALA F 92 -41.43 -2.41 -12.42
CA ALA F 92 -40.73 -3.44 -13.17
C ALA F 92 -41.25 -4.86 -12.88
N ASN F 93 -41.91 -5.00 -11.73
CA ASN F 93 -42.47 -6.29 -11.31
C ASN F 93 -43.93 -6.16 -10.85
N VAL F 94 -44.84 -6.85 -11.53
CA VAL F 94 -46.28 -6.74 -11.27
C VAL F 94 -47.05 -8.06 -11.38
N GLY F 95 -48.20 -8.11 -10.69
CA GLY F 95 -49.01 -9.31 -10.61
C GLY F 95 -48.76 -10.04 -9.30
N ASN F 96 -47.58 -9.83 -8.73
CA ASN F 96 -47.21 -10.41 -7.43
C ASN F 96 -46.69 -9.33 -6.48
N PHE F 97 -47.41 -9.08 -5.39
CA PHE F 97 -46.92 -8.13 -4.41
C PHE F 97 -45.68 -8.74 -3.76
N TYR F 98 -45.58 -10.06 -3.81
CA TYR F 98 -44.44 -10.76 -3.23
C TYR F 98 -43.15 -10.60 -4.05
N GLU F 99 -43.27 -10.57 -5.38
CA GLU F 99 -42.09 -10.51 -6.26
C GLU F 99 -41.54 -9.10 -6.51
N ALA F 100 -42.29 -8.06 -6.11
CA ALA F 100 -41.82 -6.66 -6.11
C ALA F 100 -41.04 -6.21 -4.85
N PHE F 101 -41.54 -6.67 -3.70
CA PHE F 101 -40.96 -6.39 -2.41
C PHE F 101 -39.78 -7.31 -2.12
N LEU F 102 -39.78 -8.48 -2.76
CA LEU F 102 -38.64 -9.40 -2.72
C LEU F 102 -37.50 -9.03 -3.68
N GLN F 103 -37.85 -8.54 -4.88
CA GLN F 103 -36.83 -8.10 -5.81
C GLN F 103 -36.22 -6.83 -5.26
N GLY F 104 -37.05 -6.01 -4.59
CA GLY F 104 -36.59 -4.77 -4.00
C GLY F 104 -35.60 -4.99 -2.87
N PHE F 105 -36.02 -5.75 -1.86
CA PHE F 105 -35.18 -6.10 -0.72
C PHE F 105 -33.93 -6.88 -1.16
N ARG F 106 -34.01 -7.59 -2.29
CA ARG F 106 -32.91 -8.40 -2.80
C ARG F 106 -31.73 -7.56 -3.30
N SER F 107 -32.06 -6.43 -3.91
CA SER F 107 -31.08 -5.44 -4.33
C SER F 107 -30.66 -4.60 -3.13
N PHE F 108 -31.63 -4.29 -2.27
CA PHE F 108 -31.38 -3.45 -1.11
C PHE F 108 -30.19 -3.94 -0.28
N PHE F 109 -30.19 -5.22 0.07
CA PHE F 109 -29.11 -5.77 0.88
C PHE F 109 -27.82 -5.83 0.06
N ALA F 110 -27.95 -6.21 -1.19
CA ALA F 110 -26.81 -6.23 -2.12
C ALA F 110 -26.35 -4.81 -2.41
N GLU F 111 -27.22 -3.84 -2.12
CA GLU F 111 -26.96 -2.42 -2.37
C GLU F 111 -26.37 -1.70 -1.15
N SER F 112 -27.14 -1.69 -0.06
CA SER F 112 -26.73 -1.00 1.18
C SER F 112 -25.42 -1.52 1.78
N ALA F 113 -25.13 -2.80 1.53
CA ALA F 113 -23.91 -3.43 2.03
C ALA F 113 -22.66 -2.96 1.28
N ALA F 114 -22.87 -2.43 0.07
CA ALA F 114 -21.79 -2.06 -0.85
C ALA F 114 -21.29 -0.61 -0.69
N ASP F 115 -22.05 0.19 0.05
CA ASP F 115 -21.65 1.57 0.31
C ASP F 115 -20.39 1.61 1.17
N PRO F 116 -19.42 2.45 0.78
CA PRO F 116 -18.17 2.66 1.54
C PRO F 116 -18.37 3.37 2.89
N LEU F 117 -19.51 4.02 3.10
CA LEU F 117 -19.80 4.62 4.41
C LEU F 117 -20.36 3.62 5.41
N VAL F 118 -21.23 2.71 4.97
CA VAL F 118 -21.73 1.65 5.84
C VAL F 118 -20.68 0.55 5.98
N ILE F 119 -19.82 0.42 4.97
CA ILE F 119 -18.76 -0.59 5.04
C ILE F 119 -17.58 -0.10 5.88
N SER F 120 -17.59 1.21 6.19
CA SER F 120 -16.65 1.78 7.17
C SER F 120 -17.34 1.77 8.54
N LEU F 121 -18.55 1.24 8.58
CA LEU F 121 -19.23 0.96 9.83
C LEU F 121 -18.94 -0.48 10.24
N LEU F 122 -19.55 -1.42 9.52
CA LEU F 122 -19.37 -2.86 9.74
C LEU F 122 -17.92 -3.22 10.03
N THR F 123 -17.11 -3.08 8.98
CA THR F 123 -15.72 -3.51 9.01
C THR F 123 -14.78 -2.45 9.64
N GLY F 124 -15.34 -1.31 10.03
CA GLY F 124 -14.54 -0.25 10.62
C GLY F 124 -14.40 -0.31 12.14
N VAL F 125 -13.86 0.75 12.73
CA VAL F 125 -13.65 0.79 14.18
C VAL F 125 -14.38 1.90 14.95
N ALA F 126 -15.36 1.49 15.74
CA ALA F 126 -15.74 2.22 16.94
C ALA F 126 -16.21 3.65 16.74
N LYS F 127 -17.15 3.90 15.84
CA LYS F 127 -17.61 5.27 15.66
C LYS F 127 -18.89 5.51 16.44
N PRO F 128 -18.81 6.22 17.58
CA PRO F 128 -19.99 6.62 18.38
C PRO F 128 -20.79 7.72 17.69
N ASP F 129 -20.10 8.55 16.92
CA ASP F 129 -20.72 9.61 16.15
C ASP F 129 -21.62 9.00 15.10
N LEU F 130 -21.10 7.95 14.48
CA LEU F 130 -21.73 7.32 13.33
C LEU F 130 -22.92 6.47 13.76
N LEU F 131 -22.75 5.73 14.84
CA LEU F 131 -23.81 4.90 15.37
C LEU F 131 -24.95 5.77 15.89
N GLN F 132 -24.60 6.82 16.64
CA GLN F 132 -25.59 7.73 17.24
C GLN F 132 -26.52 8.30 16.18
N LEU F 133 -26.04 8.28 14.94
CA LEU F 133 -26.79 8.73 13.79
C LEU F 133 -27.80 7.69 13.30
N ILE F 134 -27.39 6.43 13.19
CA ILE F 134 -28.31 5.39 12.73
C ILE F 134 -29.45 5.08 13.72
N THR F 135 -29.36 5.60 14.95
CA THR F 135 -30.38 5.31 15.96
C THR F 135 -31.13 6.54 16.48
N THR F 136 -30.49 7.28 17.38
CA THR F 136 -31.20 8.33 18.10
C THR F 136 -31.55 9.52 17.21
N ASP F 137 -30.54 9.95 16.45
CA ASP F 137 -30.60 11.17 15.66
C ASP F 137 -31.13 10.93 14.25
N SER F 138 -31.66 9.70 14.07
CA SER F 138 -32.23 9.20 12.81
C SER F 138 -33.68 9.68 12.60
N ALA F 139 -34.15 10.54 13.50
CA ALA F 139 -35.43 11.22 13.29
C ALA F 139 -35.52 11.72 11.86
N PRO F 140 -34.50 12.46 11.40
CA PRO F 140 -34.45 12.87 9.99
C PRO F 140 -34.41 11.72 8.98
N ILE F 141 -33.52 10.75 9.13
CA ILE F 141 -33.39 9.70 8.13
C ILE F 141 -34.60 8.77 8.04
N ILE F 142 -35.37 8.69 9.13
CA ILE F 142 -36.56 7.84 9.17
C ILE F 142 -37.69 8.52 8.43
N THR F 143 -37.91 9.78 8.75
CA THR F 143 -39.09 10.49 8.26
C THR F 143 -38.96 11.00 6.81
N ARG F 144 -37.72 11.28 6.40
CA ARG F 144 -37.40 11.68 5.02
C ARG F 144 -37.64 10.51 4.09
N ALA F 145 -37.25 9.31 4.52
CA ALA F 145 -37.45 8.08 3.76
C ALA F 145 -38.76 7.35 4.09
N SER F 146 -39.47 7.80 5.13
CA SER F 146 -40.85 7.35 5.38
C SER F 146 -41.89 8.12 4.56
N ALA F 147 -41.65 9.42 4.39
CA ALA F 147 -42.48 10.24 3.52
C ALA F 147 -42.29 9.79 2.08
N ARG F 148 -41.04 9.38 1.80
CA ARG F 148 -40.59 9.08 0.44
C ARG F 148 -41.01 7.72 -0.11
N LEU F 149 -41.30 6.77 0.77
CA LEU F 149 -41.73 5.46 0.32
C LEU F 149 -43.25 5.42 0.24
N ALA F 150 -43.88 6.47 0.77
CA ALA F 150 -45.33 6.53 0.87
C ALA F 150 -46.02 6.45 -0.51
N PRO F 151 -45.71 7.42 -1.40
CA PRO F 151 -46.27 7.41 -2.74
C PRO F 151 -45.87 6.19 -3.59
N ALA F 152 -44.67 5.61 -3.36
CA ALA F 152 -44.23 4.46 -4.15
C ALA F 152 -45.21 3.29 -4.08
N PHE F 153 -45.87 3.14 -2.93
CA PHE F 153 -46.95 2.17 -2.75
C PHE F 153 -48.35 2.64 -3.20
N THR F 154 -48.62 3.93 -3.02
CA THR F 154 -49.90 4.52 -3.45
C THR F 154 -49.93 5.13 -4.88
N ASP F 155 -48.76 5.33 -5.50
CA ASP F 155 -48.70 5.80 -6.89
C ASP F 155 -48.42 4.72 -7.94
N THR F 156 -48.19 3.49 -7.49
CA THR F 156 -47.93 2.38 -8.40
C THR F 156 -49.14 1.47 -8.52
N TRP F 157 -48.95 0.38 -9.26
CA TRP F 157 -50.03 -0.57 -9.52
C TRP F 157 -50.49 -1.22 -8.23
N VAL F 158 -49.81 -0.94 -7.12
CA VAL F 158 -50.20 -1.53 -5.85
C VAL F 158 -51.48 -0.87 -5.42
N ALA F 159 -52.54 -1.66 -5.28
CA ALA F 159 -53.77 -1.11 -4.76
C ALA F 159 -53.49 -0.93 -3.29
N THR F 160 -53.56 0.31 -2.83
CA THR F 160 -53.24 0.63 -1.44
C THR F 160 -53.90 1.95 -1.15
N THR F 161 -54.13 2.23 0.13
CA THR F 161 -54.67 3.53 0.51
C THR F 161 -53.58 4.48 1.03
N ASP F 162 -53.98 5.65 1.49
CA ASP F 162 -53.06 6.68 2.01
C ASP F 162 -52.46 6.36 3.39
N ASN F 163 -53.31 6.02 4.36
CA ASN F 163 -52.89 5.64 5.73
C ASN F 163 -52.29 4.23 5.83
N ASP F 164 -52.55 3.41 4.81
CA ASP F 164 -51.90 2.12 4.67
C ASP F 164 -50.49 2.24 4.07
N ALA F 165 -50.27 3.25 3.23
CA ALA F 165 -48.93 3.54 2.67
C ALA F 165 -48.08 4.50 3.54
N ASN F 166 -48.72 5.21 4.46
CA ASN F 166 -48.03 6.08 5.40
C ASN F 166 -47.36 5.28 6.53
N VAL F 167 -48.07 4.27 7.01
CA VAL F 167 -47.51 3.34 7.99
C VAL F 167 -46.69 2.18 7.38
N LEU F 168 -47.12 1.61 6.24
CA LEU F 168 -46.34 0.56 5.57
C LEU F 168 -44.96 1.05 5.10
N SER F 169 -44.80 2.37 5.00
CA SER F 169 -43.48 2.94 4.83
C SER F 169 -42.72 3.05 6.16
N ARG F 170 -43.42 3.47 7.23
CA ARG F 170 -42.78 3.69 8.55
C ARG F 170 -42.17 2.45 9.19
N ALA F 171 -42.76 1.29 8.89
CA ALA F 171 -42.21 0.00 9.31
C ALA F 171 -41.14 -0.62 8.40
N ILE F 172 -41.10 -0.26 7.12
CA ILE F 172 -40.07 -0.81 6.19
C ILE F 172 -38.74 -0.07 6.37
N VAL F 173 -38.84 1.21 6.74
CA VAL F 173 -37.68 2.04 7.05
C VAL F 173 -36.98 1.55 8.30
N ARG F 174 -37.75 1.38 9.38
CA ARG F 174 -37.22 0.99 10.70
C ARG F 174 -36.62 -0.42 10.71
N LEU F 175 -37.27 -1.36 10.03
CA LEU F 175 -36.74 -2.71 9.85
C LEU F 175 -35.39 -2.71 9.11
N CYS F 176 -35.36 -2.16 7.90
CA CYS F 176 -34.12 -2.09 7.13
C CYS F 176 -33.03 -1.26 7.84
N LEU F 177 -33.43 -0.11 8.38
CA LEU F 177 -32.53 0.79 9.11
C LEU F 177 -31.74 -0.03 10.13
N SER F 178 -32.39 -1.07 10.65
CA SER F 178 -31.81 -1.93 11.67
C SER F 178 -31.07 -3.14 11.09
N TYR F 179 -31.15 -3.36 9.78
CA TYR F 179 -30.35 -4.41 9.19
C TYR F 179 -28.99 -3.81 8.78
N VAL F 180 -28.95 -2.49 8.82
CA VAL F 180 -27.71 -1.74 8.55
C VAL F 180 -26.77 -1.81 9.74
N SER F 181 -27.28 -1.31 10.86
CA SER F 181 -26.65 -1.36 12.19
C SER F 181 -26.26 -2.80 12.61
N MET F 182 -27.23 -3.72 12.62
CA MET F 182 -26.90 -5.15 12.83
C MET F 182 -27.23 -6.03 11.64
N PRO F 183 -26.19 -6.64 11.05
CA PRO F 183 -26.25 -7.52 9.89
C PRO F 183 -27.17 -8.69 10.16
N PRO F 184 -27.56 -9.42 9.10
CA PRO F 184 -28.43 -10.57 9.32
C PRO F 184 -27.76 -11.50 10.32
N GLU F 185 -28.51 -11.92 11.34
CA GLU F 185 -28.00 -12.85 12.33
C GLU F 185 -27.95 -14.26 11.72
N ALA F 186 -28.94 -14.57 10.90
CA ALA F 186 -28.97 -15.83 10.14
C ALA F 186 -28.54 -15.63 8.68
N ASP F 187 -27.84 -16.62 8.13
CA ASP F 187 -27.34 -16.55 6.77
C ASP F 187 -28.46 -16.65 5.74
N HIS F 188 -29.61 -17.19 6.14
CA HIS F 188 -30.78 -17.25 5.28
C HIS F 188 -31.14 -15.85 4.82
N ASP F 189 -31.68 -15.73 3.61
CA ASP F 189 -31.78 -14.43 2.96
C ASP F 189 -32.86 -13.59 3.60
N VAL F 190 -32.42 -12.47 4.16
CA VAL F 190 -33.28 -11.58 4.93
C VAL F 190 -34.47 -11.14 4.09
N ALA F 191 -34.16 -10.71 2.87
CA ALA F 191 -35.15 -10.18 1.95
C ALA F 191 -36.11 -11.27 1.50
N ALA F 192 -35.59 -12.49 1.46
CA ALA F 192 -36.44 -13.63 1.15
C ALA F 192 -37.66 -13.60 2.08
N ASP F 193 -37.41 -13.41 3.38
CA ASP F 193 -38.48 -13.43 4.40
C ASP F 193 -39.34 -12.16 4.48
N LEU F 194 -38.70 -11.00 4.33
CA LEU F 194 -39.38 -9.73 4.58
C LEU F 194 -40.56 -9.49 3.64
N ALA F 195 -40.38 -9.84 2.37
CA ALA F 195 -41.42 -9.71 1.36
C ALA F 195 -42.61 -10.62 1.67
N ARG F 196 -42.37 -11.60 2.53
CA ARG F 196 -43.40 -12.58 2.93
C ARG F 196 -44.37 -11.99 3.93
N LEU F 197 -43.86 -11.13 4.82
CA LEU F 197 -44.63 -10.57 5.93
C LEU F 197 -45.53 -9.42 5.47
N ILE F 198 -45.11 -8.72 4.42
CA ILE F 198 -45.89 -7.61 3.90
C ILE F 198 -46.75 -7.97 2.67
N THR F 199 -46.62 -9.20 2.16
CA THR F 199 -47.44 -9.63 1.02
C THR F 199 -48.91 -9.77 1.39
N PRO F 200 -49.21 -10.46 2.51
CA PRO F 200 -50.56 -10.49 3.06
C PRO F 200 -51.10 -9.10 3.48
N PHE F 201 -50.22 -8.11 3.70
CA PHE F 201 -50.68 -6.73 3.97
C PHE F 201 -51.00 -5.85 2.75
N ALA F 202 -50.27 -6.06 1.65
CA ALA F 202 -50.50 -5.29 0.41
C ALA F 202 -51.75 -5.77 -0.33
N GLU F 203 -52.19 -6.99 0.02
CA GLU F 203 -53.46 -7.56 -0.42
C GLU F 203 -54.62 -7.36 0.58
N ARG F 204 -54.32 -6.85 1.78
CA ARG F 204 -55.36 -6.44 2.73
C ARG F 204 -55.71 -4.96 2.55
N HIS F 205 -54.87 -4.25 1.80
CA HIS F 205 -55.11 -2.85 1.48
C HIS F 205 -54.39 -2.49 0.18
#